data_3TWS
#
_entry.id   3TWS
#
_cell.length_a   61.910
_cell.length_b   104.969
_cell.length_c   129.155
_cell.angle_alpha   90.00
_cell.angle_beta   90.00
_cell.angle_gamma   90.00
#
_symmetry.space_group_name_H-M   'P 21 21 21'
#
loop_
_entity.id
_entity.type
_entity.pdbx_description
1 polymer Tankyrase-2
2 polymer 'human TERF1'
3 non-polymer 3,6,9,12,15,18,21-HEPTAOXATRICOSANE-1,23-DIOL
4 non-polymer 1,2-ETHANEDIOL
5 non-polymer 'SULFATE ION'
6 non-polymer 'HEXAETHYLENE GLYCOL'
7 water water
#
loop_
_entity_poly.entity_id
_entity_poly.type
_entity_poly.pdbx_seq_one_letter_code
_entity_poly.pdbx_strand_id
1 'polypeptide(L)'
;GAMGNSEADRQLLEAAKAGDVETVKKLCTVQSVNCRDIEGRQSTPLHFAAGYNRVSVVEYLLQHGADVHAKDKGGLVPLH
NACSYGHYEVAELLVKHGAVVNVADLWKFTPLHEAAAKGKYEICKLLLQHGADPTKKNRDGNTPLDLVKDGDTDIQDLLR
GDAAL
;
A,B,C,D
2 'polypeptide(L)' LPHLQRGCADGQSFR(SET) E,F,G,H
#
loop_
_chem_comp.id
_chem_comp.type
_chem_comp.name
_chem_comp.formula
EDO non-polymer 1,2-ETHANEDIOL 'C2 H6 O2'
P6G non-polymer 'HEXAETHYLENE GLYCOL' 'C12 H26 O7'
PE8 non-polymer 3,6,9,12,15,18,21-HEPTAOXATRICOSANE-1,23-DIOL 'C16 H34 O9'
SO4 non-polymer 'SULFATE ION' 'O4 S -2'
#
# COMPACT_ATOMS: atom_id res chain seq x y z
N SER A 6 -14.46 -13.43 -9.51
CA SER A 6 -14.68 -14.78 -9.00
C SER A 6 -14.48 -14.85 -7.49
N GLU A 7 -15.18 -15.77 -6.85
CA GLU A 7 -15.05 -16.00 -5.42
C GLU A 7 -13.60 -16.32 -5.08
N ALA A 8 -12.96 -17.17 -5.88
CA ALA A 8 -11.57 -17.53 -5.64
C ALA A 8 -10.65 -16.32 -5.60
N ASP A 9 -10.80 -15.43 -6.59
CA ASP A 9 -9.97 -14.24 -6.63
C ASP A 9 -10.23 -13.32 -5.45
N ARG A 10 -11.49 -13.16 -5.07
CA ARG A 10 -11.83 -12.36 -3.90
C ARG A 10 -11.11 -12.91 -2.68
N GLN A 11 -11.18 -14.22 -2.49
CA GLN A 11 -10.54 -14.87 -1.34
C GLN A 11 -9.03 -14.68 -1.37
N LEU A 12 -8.44 -14.75 -2.55
CA LEU A 12 -6.99 -14.55 -2.68
C LEU A 12 -6.60 -13.11 -2.33
N LEU A 13 -7.35 -12.15 -2.86
CA LEU A 13 -7.09 -10.75 -2.55
C LEU A 13 -7.24 -10.49 -1.05
N GLU A 14 -8.27 -11.08 -0.45
CA GLU A 14 -8.49 -10.92 0.99
C GLU A 14 -7.34 -11.53 1.80
N ALA A 15 -6.85 -12.69 1.35
CA ALA A 15 -5.76 -13.37 2.05
C ALA A 15 -4.47 -12.58 1.94
N ALA A 16 -4.26 -11.95 0.79
CA ALA A 16 -3.05 -11.13 0.58
C ALA A 16 -3.10 -9.91 1.51
N LYS A 17 -4.26 -9.28 1.58
CA LYS A 17 -4.48 -8.15 2.46
C LYS A 17 -4.25 -8.53 3.93
N ALA A 18 -4.72 -9.71 4.30
CA ALA A 18 -4.68 -10.15 5.70
C ALA A 18 -3.35 -10.78 6.09
N GLY A 19 -2.52 -11.10 5.10
CA GLY A 19 -1.25 -11.75 5.36
C GLY A 19 -1.43 -13.23 5.65
N ASP A 20 -2.50 -13.81 5.13
CA ASP A 20 -2.82 -15.21 5.37
C ASP A 20 -2.07 -16.07 4.36
N VAL A 21 -0.83 -16.39 4.70
CA VAL A 21 0.09 -17.06 3.78
C VAL A 21 -0.43 -18.41 3.29
N GLU A 22 -0.94 -19.21 4.20
CA GLU A 22 -1.40 -20.54 3.83
C GLU A 22 -2.56 -20.47 2.82
N THR A 23 -3.44 -19.49 2.96
CA THR A 23 -4.55 -19.34 2.03
C THR A 23 -4.07 -18.82 0.68
N VAL A 24 -3.10 -17.91 0.70
CA VAL A 24 -2.48 -17.46 -0.53
C VAL A 24 -1.86 -18.64 -1.28
N LYS A 25 -1.14 -19.48 -0.55
CA LYS A 25 -0.55 -20.67 -1.17
C LYS A 25 -1.61 -21.57 -1.80
N LYS A 26 -2.76 -21.71 -1.15
CA LYS A 26 -3.81 -22.56 -1.69
C LYS A 26 -4.47 -22.00 -2.95
N LEU A 27 -4.57 -20.67 -3.03
CA LEU A 27 -5.37 -20.04 -4.07
C LEU A 27 -4.55 -19.42 -5.20
N CYS A 28 -3.27 -19.23 -4.95
CA CYS A 28 -2.39 -18.63 -5.95
C CYS A 28 -2.11 -19.60 -7.09
N THR A 29 -2.63 -19.28 -8.28
CA THR A 29 -2.39 -20.07 -9.47
C THR A 29 -1.81 -19.16 -10.55
N VAL A 30 -1.34 -19.73 -11.66
CA VAL A 30 -0.84 -18.89 -12.74
C VAL A 30 -1.92 -17.93 -13.23
N GLN A 31 -3.18 -18.31 -13.02
CA GLN A 31 -4.30 -17.50 -13.51
C GLN A 31 -4.74 -16.44 -12.51
N SER A 32 -4.45 -16.64 -11.22
CA SER A 32 -4.93 -15.72 -10.20
C SER A 32 -3.86 -14.81 -9.59
N VAL A 33 -2.60 -15.15 -9.76
CA VAL A 33 -1.53 -14.41 -9.09
C VAL A 33 -1.57 -12.90 -9.42
N ASN A 34 -2.03 -12.55 -10.61
CA ASN A 34 -2.13 -11.15 -11.02
C ASN A 34 -3.56 -10.68 -11.25
N CYS A 35 -4.51 -11.27 -10.53
CA CYS A 35 -5.89 -10.81 -10.63
C CYS A 35 -6.02 -9.40 -10.06
N ARG A 36 -7.20 -8.79 -10.23
CA ARG A 36 -7.41 -7.40 -9.86
C ARG A 36 -8.73 -7.24 -9.12
N ASP A 37 -8.70 -6.36 -8.13
CA ASP A 37 -9.88 -6.09 -7.31
C ASP A 37 -10.84 -5.15 -8.04
N ILE A 38 -11.73 -5.73 -8.85
CA ILE A 38 -12.56 -4.94 -9.76
C ILE A 38 -13.50 -4.02 -8.99
N GLU A 39 -13.91 -4.45 -7.81
CA GLU A 39 -14.91 -3.70 -7.05
C GLU A 39 -14.26 -2.56 -6.27
N GLY A 40 -12.94 -2.57 -6.21
CA GLY A 40 -12.19 -1.53 -5.51
C GLY A 40 -11.51 -0.60 -6.50
N ARG A 41 -10.18 -0.55 -6.42
CA ARG A 41 -9.37 0.24 -7.33
C ARG A 41 -8.42 -0.65 -8.15
N GLN A 42 -8.83 -1.90 -8.36
CA GLN A 42 -8.06 -2.85 -9.19
C GLN A 42 -6.68 -3.17 -8.63
N SER A 43 -6.54 -3.14 -7.30
CA SER A 43 -5.29 -3.61 -6.70
C SER A 43 -5.09 -5.09 -7.00
N THR A 44 -3.84 -5.50 -7.23
CA THR A 44 -3.52 -6.92 -7.38
C THR A 44 -3.18 -7.51 -6.01
N PRO A 45 -3.06 -8.85 -5.92
CA PRO A 45 -2.63 -9.44 -4.63
C PRO A 45 -1.35 -8.77 -4.12
N LEU A 46 -0.45 -8.44 -5.04
CA LEU A 46 0.83 -7.83 -4.63
C LEU A 46 0.64 -6.39 -4.13
N HIS A 47 -0.31 -5.65 -4.70
CA HIS A 47 -0.60 -4.32 -4.18
C HIS A 47 -1.06 -4.45 -2.73
N PHE A 48 -1.98 -5.39 -2.49
CA PHE A 48 -2.52 -5.57 -1.14
C PHE A 48 -1.43 -6.02 -0.16
N ALA A 49 -0.62 -6.99 -0.57
CA ALA A 49 0.42 -7.47 0.33
C ALA A 49 1.44 -6.37 0.62
N ALA A 50 1.78 -5.59 -0.39
CA ALA A 50 2.73 -4.48 -0.21
C ALA A 50 2.17 -3.40 0.70
N GLY A 51 0.92 -3.03 0.48
CA GLY A 51 0.34 -1.90 1.21
C GLY A 51 0.07 -2.24 2.66
N TYR A 52 -0.24 -3.50 2.93
CA TYR A 52 -0.53 -3.95 4.29
C TYR A 52 0.67 -4.60 4.98
N ASN A 53 1.84 -4.47 4.37
CA ASN A 53 3.11 -4.91 4.99
C ASN A 53 3.14 -6.40 5.32
N ARG A 54 2.71 -7.20 4.35
CA ARG A 54 2.63 -8.64 4.52
C ARG A 54 3.84 -9.25 3.83
N VAL A 55 4.97 -9.21 4.52
CA VAL A 55 6.25 -9.54 3.88
C VAL A 55 6.31 -10.95 3.29
N SER A 56 5.88 -11.95 4.06
N SER A 56 5.87 -11.95 4.06
N SER A 56 5.87 -11.94 4.06
CA SER A 56 5.92 -13.32 3.57
CA SER A 56 5.91 -13.33 3.59
CA SER A 56 5.91 -13.33 3.59
C SER A 56 5.08 -13.47 2.30
C SER A 56 5.02 -13.57 2.38
C SER A 56 5.06 -13.49 2.33
N VAL A 57 3.91 -12.84 2.29
CA VAL A 57 3.03 -12.90 1.11
C VAL A 57 3.69 -12.18 -0.07
N VAL A 58 4.30 -11.03 0.18
CA VAL A 58 5.02 -10.31 -0.88
C VAL A 58 6.06 -11.23 -1.51
N GLU A 59 6.86 -11.88 -0.67
CA GLU A 59 7.90 -12.78 -1.16
C GLU A 59 7.32 -13.93 -1.99
N TYR A 60 6.28 -14.56 -1.46
CA TYR A 60 5.67 -15.70 -2.14
C TYR A 60 5.10 -15.27 -3.50
N LEU A 61 4.33 -14.19 -3.49
CA LEU A 61 3.74 -13.69 -4.73
C LEU A 61 4.81 -13.37 -5.77
N LEU A 62 5.86 -12.66 -5.36
CA LEU A 62 6.94 -12.37 -6.29
C LEU A 62 7.55 -13.66 -6.85
N GLN A 63 7.81 -14.63 -5.98
CA GLN A 63 8.40 -15.89 -6.45
C GLN A 63 7.51 -16.59 -7.45
N HIS A 64 6.20 -16.43 -7.30
CA HIS A 64 5.25 -17.17 -8.12
C HIS A 64 4.66 -16.37 -9.27
N GLY A 65 5.31 -15.26 -9.61
CA GLY A 65 5.03 -14.58 -10.86
C GLY A 65 4.15 -13.34 -10.78
N ALA A 66 4.00 -12.78 -9.58
CA ALA A 66 3.33 -11.49 -9.45
C ALA A 66 4.11 -10.41 -10.20
N ASP A 67 3.39 -9.51 -10.85
CA ASP A 67 4.01 -8.46 -11.66
C ASP A 67 4.31 -7.21 -10.81
N VAL A 68 5.59 -6.97 -10.51
N VAL A 68 5.59 -6.98 -10.53
CA VAL A 68 5.97 -5.78 -9.75
CA VAL A 68 6.01 -5.82 -9.76
C VAL A 68 5.62 -4.49 -10.44
C VAL A 68 5.67 -4.50 -10.45
N HIS A 69 5.40 -4.56 -11.76
CA HIS A 69 5.15 -3.36 -12.54
C HIS A 69 3.66 -3.10 -12.77
N ALA A 70 2.80 -3.99 -12.28
CA ALA A 70 1.37 -3.86 -12.56
C ALA A 70 0.78 -2.59 -11.95
N LYS A 71 0.04 -1.84 -12.76
CA LYS A 71 -0.64 -0.63 -12.30
C LYS A 71 -2.09 -0.89 -11.95
N ASP A 72 -2.53 -0.31 -10.83
CA ASP A 72 -3.94 -0.34 -10.47
C ASP A 72 -4.74 0.71 -11.25
N LYS A 73 -6.00 0.91 -10.90
CA LYS A 73 -6.88 1.79 -11.66
C LYS A 73 -6.37 3.23 -11.74
N GLY A 74 -5.62 3.64 -10.71
CA GLY A 74 -5.13 5.01 -10.62
C GLY A 74 -3.68 5.15 -11.09
N GLY A 75 -3.13 4.04 -11.57
CA GLY A 75 -1.75 4.04 -12.03
C GLY A 75 -0.71 3.75 -10.96
N LEU A 76 -1.13 3.31 -9.77
CA LEU A 76 -0.17 2.95 -8.74
C LEU A 76 0.41 1.58 -8.98
N VAL A 77 1.71 1.44 -8.74
CA VAL A 77 2.33 0.12 -8.69
C VAL A 77 2.55 -0.23 -7.22
N PRO A 78 2.84 -1.51 -6.94
CA PRO A 78 2.97 -1.86 -5.52
C PRO A 78 4.04 -1.07 -4.77
N LEU A 79 5.07 -0.60 -5.46
CA LEU A 79 6.04 0.24 -4.78
C LEU A 79 5.42 1.55 -4.24
N HIS A 80 4.44 2.10 -4.94
CA HIS A 80 3.73 3.27 -4.40
C HIS A 80 3.11 2.90 -3.05
N ASN A 81 2.42 1.76 -3.01
CA ASN A 81 1.73 1.37 -1.76
C ASN A 81 2.73 1.19 -0.63
N ALA A 82 3.84 0.53 -0.92
CA ALA A 82 4.85 0.29 0.11
C ALA A 82 5.39 1.60 0.65
N CYS A 83 5.68 2.53 -0.25
CA CYS A 83 6.36 3.77 0.14
C CYS A 83 5.41 4.71 0.87
N SER A 84 4.16 4.77 0.43
N SER A 84 4.17 4.80 0.40
CA SER A 84 3.17 5.64 1.06
CA SER A 84 3.15 5.60 1.06
C SER A 84 2.87 5.23 2.50
C SER A 84 3.12 5.25 2.54
N TYR A 85 3.06 3.95 2.82
CA TYR A 85 2.76 3.47 4.17
C TYR A 85 4.01 3.11 4.97
N GLY A 86 5.17 3.50 4.46
CA GLY A 86 6.41 3.38 5.21
C GLY A 86 6.96 1.98 5.39
N HIS A 87 6.63 1.07 4.48
CA HIS A 87 7.05 -0.32 4.64
C HIS A 87 8.38 -0.54 3.95
N TYR A 88 9.46 -0.31 4.71
CA TYR A 88 10.81 -0.28 4.15
C TYR A 88 11.23 -1.64 3.58
N GLU A 89 11.05 -2.70 4.35
CA GLU A 89 11.46 -4.01 3.85
C GLU A 89 10.73 -4.37 2.57
N VAL A 90 9.42 -4.13 2.53
CA VAL A 90 8.66 -4.41 1.33
C VAL A 90 9.19 -3.59 0.16
N ALA A 91 9.45 -2.30 0.39
CA ALA A 91 9.98 -1.47 -0.68
C ALA A 91 11.30 -2.04 -1.22
N GLU A 92 12.18 -2.45 -0.31
N GLU A 92 12.17 -2.48 -0.32
CA GLU A 92 13.45 -3.07 -0.71
CA GLU A 92 13.45 -3.04 -0.75
C GLU A 92 13.21 -4.30 -1.57
C GLU A 92 13.30 -4.36 -1.51
N LEU A 93 12.35 -5.19 -1.09
CA LEU A 93 12.05 -6.42 -1.82
C LEU A 93 11.60 -6.08 -3.23
N LEU A 94 10.72 -5.08 -3.35
CA LEU A 94 10.17 -4.73 -4.66
C LEU A 94 11.28 -4.20 -5.57
N VAL A 95 12.07 -3.27 -5.05
CA VAL A 95 13.20 -2.73 -5.82
C VAL A 95 14.20 -3.82 -6.24
N LYS A 96 14.53 -4.72 -5.31
CA LYS A 96 15.47 -5.79 -5.63
C LYS A 96 14.95 -6.67 -6.78
N HIS A 97 13.63 -6.80 -6.85
CA HIS A 97 12.96 -7.58 -7.90
C HIS A 97 12.65 -6.76 -9.14
N GLY A 98 13.24 -5.57 -9.22
CA GLY A 98 13.25 -4.86 -10.49
C GLY A 98 12.27 -3.71 -10.62
N ALA A 99 11.55 -3.39 -9.53
CA ALA A 99 10.63 -2.26 -9.55
C ALA A 99 11.32 -1.00 -10.08
N VAL A 100 10.59 -0.24 -10.91
CA VAL A 100 11.10 1.02 -11.44
C VAL A 100 10.88 2.09 -10.38
N VAL A 101 11.95 2.75 -9.94
CA VAL A 101 11.78 3.70 -8.84
C VAL A 101 11.15 5.02 -9.28
N ASN A 102 11.32 5.38 -10.54
CA ASN A 102 10.75 6.64 -11.05
C ASN A 102 9.37 6.50 -11.69
N VAL A 103 8.74 5.37 -11.45
CA VAL A 103 7.39 5.08 -11.96
C VAL A 103 6.44 6.18 -11.52
N ALA A 104 5.47 6.50 -12.37
CA ALA A 104 4.57 7.60 -12.07
C ALA A 104 3.14 7.15 -12.30
N ASP A 105 2.25 7.53 -11.40
CA ASP A 105 0.83 7.21 -11.60
C ASP A 105 0.16 8.17 -12.57
N LEU A 106 -1.17 8.10 -12.66
CA LEU A 106 -1.90 8.93 -13.62
C LEU A 106 -1.73 10.42 -13.36
N TRP A 107 -1.41 10.78 -12.12
CA TRP A 107 -1.19 12.16 -11.74
C TRP A 107 0.29 12.54 -11.64
N LYS A 108 1.14 11.66 -12.17
CA LYS A 108 2.58 11.85 -12.17
C LYS A 108 3.19 11.88 -10.77
N PHE A 109 2.51 11.23 -9.82
CA PHE A 109 3.09 11.02 -8.49
C PHE A 109 4.02 9.80 -8.56
N THR A 110 5.23 9.95 -8.06
CA THR A 110 6.17 8.84 -7.99
C THR A 110 6.20 8.28 -6.57
N PRO A 111 6.88 7.13 -6.39
CA PRO A 111 6.99 6.63 -5.03
C PRO A 111 7.72 7.62 -4.11
N LEU A 112 8.66 8.39 -4.66
CA LEU A 112 9.33 9.42 -3.87
C LEU A 112 8.37 10.53 -3.42
N HIS A 113 7.42 10.91 -4.28
CA HIS A 113 6.36 11.84 -3.85
C HIS A 113 5.63 11.27 -2.63
N GLU A 114 5.32 9.98 -2.66
CA GLU A 114 4.57 9.36 -1.56
C GLU A 114 5.40 9.34 -0.28
N ALA A 115 6.63 8.87 -0.36
CA ALA A 115 7.47 8.75 0.84
C ALA A 115 7.77 10.13 1.43
N ALA A 116 7.98 11.12 0.58
CA ALA A 116 8.27 12.48 1.05
C ALA A 116 7.07 13.08 1.78
N ALA A 117 5.90 12.97 1.17
CA ALA A 117 4.70 13.56 1.73
C ALA A 117 4.33 12.89 3.05
N LYS A 118 4.67 11.61 3.19
CA LYS A 118 4.33 10.83 4.38
C LYS A 118 5.42 10.83 5.45
N GLY A 119 6.52 11.53 5.19
CA GLY A 119 7.56 11.69 6.20
C GLY A 119 8.38 10.44 6.47
N LYS A 120 8.65 9.68 5.43
CA LYS A 120 9.43 8.44 5.53
C LYS A 120 10.86 8.65 5.03
N TYR A 121 11.75 9.03 5.95
CA TYR A 121 13.14 9.37 5.61
C TYR A 121 13.92 8.19 5.01
N GLU A 122 13.95 7.05 5.68
CA GLU A 122 14.72 5.91 5.19
C GLU A 122 14.23 5.42 3.83
N ILE A 123 12.92 5.47 3.63
CA ILE A 123 12.38 5.10 2.32
C ILE A 123 12.79 6.12 1.25
N CYS A 124 12.67 7.40 1.56
CA CYS A 124 13.21 8.42 0.64
C CYS A 124 14.67 8.13 0.32
N LYS A 125 15.48 7.82 1.33
CA LYS A 125 16.89 7.57 1.11
C LYS A 125 17.13 6.34 0.23
N LEU A 126 16.36 5.28 0.52
CA LEU A 126 16.40 4.07 -0.29
C LEU A 126 16.12 4.37 -1.76
N LEU A 127 15.04 5.10 -2.00
CA LEU A 127 14.67 5.44 -3.37
C LEU A 127 15.77 6.24 -4.07
N LEU A 128 16.32 7.21 -3.35
CA LEU A 128 17.38 8.05 -3.90
C LEU A 128 18.64 7.25 -4.26
N GLN A 129 18.98 6.28 -3.42
CA GLN A 129 20.14 5.43 -3.69
C GLN A 129 19.95 4.60 -4.97
N HIS A 130 18.70 4.38 -5.34
CA HIS A 130 18.39 3.61 -6.53
C HIS A 130 18.03 4.49 -7.71
N GLY A 131 18.38 5.77 -7.59
CA GLY A 131 18.26 6.69 -8.70
C GLY A 131 16.96 7.45 -8.81
N ALA A 132 16.15 7.43 -7.75
CA ALA A 132 14.91 8.22 -7.77
C ALA A 132 15.26 9.68 -7.94
N ASP A 133 14.46 10.36 -8.75
CA ASP A 133 14.73 11.74 -9.15
C ASP A 133 13.91 12.68 -8.27
N PRO A 134 14.56 13.44 -7.39
CA PRO A 134 13.84 14.35 -6.50
C PRO A 134 13.28 15.59 -7.22
N THR A 135 13.61 15.76 -8.50
CA THR A 135 13.18 16.94 -9.24
C THR A 135 11.95 16.70 -10.12
N LYS A 136 11.45 15.47 -10.12
CA LYS A 136 10.29 15.13 -10.94
C LYS A 136 9.01 15.80 -10.44
N LYS A 137 8.37 16.57 -11.31
CA LYS A 137 7.13 17.24 -10.95
C LYS A 137 5.91 16.37 -11.27
N ASN A 138 4.93 16.37 -10.37
CA ASN A 138 3.67 15.71 -10.68
C ASN A 138 2.80 16.69 -11.47
N ARG A 139 1.55 16.30 -11.74
CA ARG A 139 0.69 17.16 -12.56
C ARG A 139 0.39 18.51 -11.91
N ASP A 140 0.65 18.63 -10.60
CA ASP A 140 0.45 19.89 -9.90
C ASP A 140 1.67 20.78 -10.02
N GLY A 141 2.72 20.26 -10.66
CA GLY A 141 3.97 20.98 -10.76
C GLY A 141 4.81 20.89 -9.50
N ASN A 142 4.45 19.93 -8.63
CA ASN A 142 5.15 19.73 -7.37
C ASN A 142 6.16 18.59 -7.42
N THR A 143 7.36 18.86 -6.93
CA THR A 143 8.35 17.79 -6.75
C THR A 143 8.10 17.11 -5.41
N PRO A 144 8.78 15.98 -5.15
CA PRO A 144 8.68 15.36 -3.83
C PRO A 144 9.09 16.34 -2.72
N LEU A 145 10.16 17.10 -2.96
CA LEU A 145 10.59 18.14 -2.02
C LEU A 145 9.45 19.09 -1.67
N ASP A 146 8.70 19.52 -2.69
CA ASP A 146 7.57 20.42 -2.48
C ASP A 146 6.53 19.88 -1.50
N LEU A 147 6.42 18.56 -1.39
CA LEU A 147 5.39 17.93 -0.57
C LEU A 147 5.81 17.61 0.86
N VAL A 148 7.04 17.94 1.22
CA VAL A 148 7.56 17.59 2.54
C VAL A 148 7.02 18.53 3.62
N LYS A 149 6.56 17.94 4.72
CA LYS A 149 6.03 18.70 5.86
C LYS A 149 7.09 19.61 6.45
N ASP A 150 6.65 20.78 6.93
CA ASP A 150 7.57 21.77 7.51
C ASP A 150 8.49 21.14 8.56
N GLY A 151 7.96 20.22 9.34
CA GLY A 151 8.68 19.66 10.46
C GLY A 151 9.79 18.70 10.07
N ASP A 152 9.68 18.11 8.88
CA ASP A 152 10.65 17.12 8.43
C ASP A 152 11.83 17.77 7.71
N THR A 153 12.61 18.56 8.44
CA THR A 153 13.75 19.25 7.87
C THR A 153 14.82 18.27 7.41
N ASP A 154 14.87 17.08 8.02
CA ASP A 154 15.83 16.08 7.62
C ASP A 154 15.53 15.54 6.22
N ILE A 155 14.25 15.30 5.92
CA ILE A 155 13.84 14.86 4.60
C ILE A 155 14.07 15.97 3.57
N GLN A 156 13.76 17.20 3.96
CA GLN A 156 14.03 18.34 3.11
C GLN A 156 15.50 18.35 2.69
N ASP A 157 16.39 18.23 3.67
CA ASP A 157 17.82 18.27 3.40
C ASP A 157 18.24 17.10 2.50
N LEU A 158 17.67 15.93 2.76
CA LEU A 158 17.95 14.74 1.97
C LEU A 158 17.59 14.93 0.51
N LEU A 159 16.37 15.43 0.26
CA LEU A 159 15.88 15.64 -1.08
C LEU A 159 16.63 16.74 -1.84
N ARG A 160 17.01 17.80 -1.14
CA ARG A 160 17.75 18.92 -1.73
C ARG A 160 19.18 18.53 -2.11
N GLY A 161 19.74 17.59 -1.37
CA GLY A 161 21.12 17.18 -1.58
C GLY A 161 22.04 18.18 -0.92
N ASP A 162 21.49 18.88 0.08
CA ASP A 162 22.21 19.94 0.78
C ASP A 162 21.66 20.13 2.19
N GLY B 4 -24.89 18.91 -16.11
CA GLY B 4 -24.67 19.14 -14.70
C GLY B 4 -25.91 18.84 -13.87
N ASN B 5 -25.98 19.43 -12.68
CA ASN B 5 -27.15 19.24 -11.83
C ASN B 5 -28.42 19.79 -12.47
N SER B 6 -29.54 19.12 -12.22
CA SER B 6 -30.82 19.64 -12.62
C SER B 6 -31.02 20.97 -11.90
N GLU B 7 -31.92 21.80 -12.41
CA GLU B 7 -32.19 23.09 -11.80
C GLU B 7 -32.59 22.94 -10.34
N ALA B 8 -33.54 22.02 -10.07
CA ALA B 8 -34.01 21.82 -8.71
C ALA B 8 -32.89 21.35 -7.79
N ASP B 9 -32.04 20.44 -8.29
CA ASP B 9 -30.94 19.93 -7.48
C ASP B 9 -29.97 21.05 -7.15
N ARG B 10 -29.57 21.81 -8.17
N ARG B 10 -29.58 21.84 -8.16
CA ARG B 10 -28.70 22.97 -7.99
CA ARG B 10 -28.65 22.94 -7.94
C ARG B 10 -29.25 23.88 -6.90
C ARG B 10 -29.21 23.94 -6.93
N GLN B 11 -30.49 24.29 -7.08
CA GLN B 11 -31.11 25.23 -6.16
C GLN B 11 -31.27 24.65 -4.76
N LEU B 12 -31.53 23.35 -4.67
CA LEU B 12 -31.64 22.70 -3.34
C LEU B 12 -30.29 22.71 -2.63
N LEU B 13 -29.24 22.37 -3.37
CA LEU B 13 -27.91 22.36 -2.79
C LEU B 13 -27.55 23.77 -2.31
N GLU B 14 -27.84 24.76 -3.14
CA GLU B 14 -27.55 26.14 -2.78
C GLU B 14 -28.37 26.59 -1.55
N ALA B 15 -29.62 26.17 -1.51
CA ALA B 15 -30.48 26.52 -0.38
C ALA B 15 -29.98 25.87 0.90
N ALA B 16 -29.51 24.63 0.79
CA ALA B 16 -29.01 23.93 1.96
C ALA B 16 -27.78 24.62 2.50
N LYS B 17 -26.88 25.01 1.61
CA LYS B 17 -25.68 25.72 2.02
C LYS B 17 -26.04 27.05 2.69
N ALA B 18 -27.06 27.72 2.16
CA ALA B 18 -27.43 29.07 2.62
C ALA B 18 -28.32 29.06 3.87
N GLY B 19 -28.90 27.91 4.19
CA GLY B 19 -29.84 27.82 5.29
C GLY B 19 -31.22 28.36 4.91
N ASP B 20 -31.52 28.37 3.61
CA ASP B 20 -32.81 28.84 3.10
C ASP B 20 -33.84 27.73 3.22
N VAL B 21 -34.46 27.60 4.39
CA VAL B 21 -35.29 26.44 4.66
C VAL B 21 -36.58 26.44 3.83
N GLU B 22 -37.12 27.62 3.56
CA GLU B 22 -38.35 27.68 2.75
C GLU B 22 -38.13 27.15 1.34
N THR B 23 -36.97 27.44 0.76
CA THR B 23 -36.64 26.92 -0.56
C THR B 23 -36.39 25.42 -0.51
N VAL B 24 -35.73 24.98 0.55
CA VAL B 24 -35.51 23.55 0.76
C VAL B 24 -36.84 22.80 0.80
N LYS B 25 -37.80 23.36 1.54
CA LYS B 25 -39.13 22.75 1.61
C LYS B 25 -39.78 22.61 0.24
N LYS B 26 -39.67 23.64 -0.58
CA LYS B 26 -40.30 23.62 -1.90
C LYS B 26 -39.66 22.61 -2.85
N LEU B 27 -38.37 22.36 -2.68
CA LEU B 27 -37.62 21.58 -3.69
C LEU B 27 -37.28 20.16 -3.26
N CYS B 28 -37.43 19.87 -1.97
CA CYS B 28 -37.04 18.57 -1.43
C CYS B 28 -38.08 17.52 -1.78
N THR B 29 -37.66 16.53 -2.57
CA THR B 29 -38.52 15.41 -2.93
C THR B 29 -37.73 14.13 -2.75
N VAL B 30 -38.39 12.99 -2.90
CA VAL B 30 -37.67 11.72 -2.87
C VAL B 30 -36.53 11.74 -3.88
N GLN B 31 -36.75 12.43 -5.00
CA GLN B 31 -35.78 12.45 -6.08
C GLN B 31 -34.59 13.40 -5.87
N SER B 32 -34.81 14.48 -5.13
CA SER B 32 -33.78 15.50 -4.95
C SER B 32 -33.06 15.44 -3.61
N VAL B 33 -33.69 14.86 -2.59
CA VAL B 33 -33.17 15.00 -1.22
C VAL B 33 -31.73 14.55 -1.04
N ASN B 34 -31.32 13.49 -1.74
CA ASN B 34 -29.96 12.97 -1.65
C ASN B 34 -29.18 13.17 -2.94
N CYS B 35 -29.53 14.20 -3.68
CA CYS B 35 -28.77 14.53 -4.90
C CYS B 35 -27.33 14.86 -4.51
N ARG B 36 -26.45 14.86 -5.51
CA ARG B 36 -25.03 15.13 -5.30
C ARG B 36 -24.55 16.28 -6.15
N ASP B 37 -23.73 17.12 -5.54
CA ASP B 37 -23.07 18.22 -6.22
C ASP B 37 -22.05 17.66 -7.22
N ILE B 38 -22.46 17.58 -8.47
CA ILE B 38 -21.59 17.02 -9.52
C ILE B 38 -20.35 17.89 -9.77
N GLU B 39 -20.43 19.16 -9.40
CA GLU B 39 -19.40 20.13 -9.73
C GLU B 39 -18.29 20.25 -8.68
N GLY B 40 -18.56 19.77 -7.46
CA GLY B 40 -17.61 19.99 -6.38
C GLY B 40 -17.01 18.70 -5.85
N ARG B 41 -17.39 18.33 -4.63
CA ARG B 41 -16.94 17.05 -4.10
C ARG B 41 -18.11 16.11 -3.87
N GLN B 42 -19.17 16.33 -4.64
CA GLN B 42 -20.33 15.45 -4.65
C GLN B 42 -21.02 15.42 -3.32
N SER B 43 -21.02 16.56 -2.63
CA SER B 43 -21.76 16.66 -1.39
C SER B 43 -23.26 16.61 -1.65
N THR B 44 -23.98 16.04 -0.70
CA THR B 44 -25.45 16.08 -0.71
C THR B 44 -25.94 17.33 0.00
N PRO B 45 -27.25 17.63 -0.13
CA PRO B 45 -27.81 18.75 0.63
C PRO B 45 -27.50 18.62 2.12
N LEU B 46 -27.56 17.41 2.67
CA LEU B 46 -27.28 17.25 4.09
C LEU B 46 -25.82 17.58 4.45
N HIS B 47 -24.86 17.21 3.57
CA HIS B 47 -23.46 17.57 3.82
C HIS B 47 -23.35 19.09 3.91
N PHE B 48 -24.00 19.79 2.97
CA PHE B 48 -23.91 21.26 2.94
C PHE B 48 -24.55 21.83 4.18
N ALA B 49 -25.76 21.38 4.50
CA ALA B 49 -26.43 21.95 5.67
C ALA B 49 -25.62 21.67 6.95
N ALA B 50 -25.07 20.47 7.06
CA ALA B 50 -24.28 20.13 8.24
C ALA B 50 -23.00 20.98 8.34
N GLY B 51 -22.31 21.13 7.22
CA GLY B 51 -21.05 21.84 7.21
C GLY B 51 -21.21 23.33 7.47
N TYR B 52 -22.33 23.89 7.03
CA TYR B 52 -22.56 25.32 7.16
C TYR B 52 -23.45 25.66 8.37
N ASN B 53 -23.65 24.68 9.23
CA ASN B 53 -24.35 24.89 10.50
C ASN B 53 -25.77 25.40 10.30
N ARG B 54 -26.46 24.79 9.34
CA ARG B 54 -27.83 25.20 9.04
C ARG B 54 -28.79 24.25 9.73
N VAL B 55 -29.01 24.48 11.03
CA VAL B 55 -29.77 23.55 11.86
C VAL B 55 -31.20 23.27 11.35
N SER B 56 -31.93 24.31 10.97
CA SER B 56 -33.30 24.13 10.50
C SER B 56 -33.35 23.25 9.26
N VAL B 57 -32.39 23.46 8.36
CA VAL B 57 -32.33 22.63 7.16
C VAL B 57 -31.91 21.19 7.50
N VAL B 58 -30.92 21.04 8.38
CA VAL B 58 -30.49 19.71 8.78
C VAL B 58 -31.69 18.94 9.33
N GLU B 59 -32.45 19.55 10.23
CA GLU B 59 -33.62 18.89 10.81
C GLU B 59 -34.63 18.54 9.72
N TYR B 60 -34.93 19.49 8.83
CA TYR B 60 -35.95 19.23 7.81
C TYR B 60 -35.50 18.07 6.91
N LEU B 61 -34.26 18.12 6.45
CA LEU B 61 -33.76 17.06 5.56
C LEU B 61 -33.86 15.70 6.20
N LEU B 62 -33.44 15.61 7.47
CA LEU B 62 -33.48 14.35 8.21
C LEU B 62 -34.90 13.80 8.37
N GLN B 63 -35.89 14.68 8.46
N GLN B 63 -35.89 14.68 8.46
CA GLN B 63 -37.28 14.27 8.60
CA GLN B 63 -37.29 14.28 8.59
C GLN B 63 -37.96 14.00 7.25
C GLN B 63 -37.95 13.98 7.25
N HIS B 64 -37.21 14.23 6.17
CA HIS B 64 -37.73 13.99 4.82
C HIS B 64 -36.80 13.19 3.92
N GLY B 65 -36.17 12.17 4.50
CA GLY B 65 -35.53 11.14 3.71
C GLY B 65 -34.04 11.29 3.45
N ALA B 66 -33.42 12.32 4.00
CA ALA B 66 -31.97 12.48 3.82
C ALA B 66 -31.18 11.34 4.41
N ASP B 67 -30.11 10.98 3.72
CA ASP B 67 -29.27 9.83 4.05
C ASP B 67 -28.11 10.28 4.92
N VAL B 68 -28.16 9.96 6.22
N VAL B 68 -28.16 9.94 6.20
CA VAL B 68 -27.08 10.37 7.14
CA VAL B 68 -27.12 10.34 7.15
C VAL B 68 -25.77 9.67 6.82
C VAL B 68 -25.81 9.63 6.89
N HIS B 69 -25.85 8.61 6.03
CA HIS B 69 -24.68 7.80 5.72
C HIS B 69 -24.11 8.06 4.32
N ALA B 70 -24.65 9.05 3.61
CA ALA B 70 -24.19 9.36 2.28
C ALA B 70 -22.75 9.84 2.31
N LYS B 71 -21.94 9.34 1.39
CA LYS B 71 -20.52 9.69 1.33
C LYS B 71 -20.23 10.66 0.19
N ASP B 72 -19.41 11.67 0.46
CA ASP B 72 -18.96 12.57 -0.60
C ASP B 72 -17.78 11.94 -1.36
N LYS B 73 -17.16 12.68 -2.27
CA LYS B 73 -16.15 12.10 -3.17
C LYS B 73 -14.97 11.54 -2.38
N GLY B 74 -14.76 12.08 -1.19
CA GLY B 74 -13.64 11.67 -0.35
C GLY B 74 -14.02 10.66 0.71
N GLY B 75 -15.29 10.25 0.70
CA GLY B 75 -15.76 9.29 1.68
C GLY B 75 -16.31 9.92 2.95
N LEU B 76 -16.42 11.25 2.98
CA LEU B 76 -16.92 11.90 4.19
C LEU B 76 -18.43 11.74 4.28
N VAL B 77 -18.93 11.45 5.47
CA VAL B 77 -20.37 11.54 5.72
C VAL B 77 -20.68 12.89 6.38
N PRO B 78 -21.96 13.29 6.41
CA PRO B 78 -22.22 14.63 6.96
C PRO B 78 -21.71 14.84 8.39
N LEU B 79 -21.61 13.78 9.19
CA LEU B 79 -21.02 13.93 10.52
C LEU B 79 -19.56 14.42 10.45
N HIS B 80 -18.82 13.97 9.45
CA HIS B 80 -17.46 14.49 9.27
C HIS B 80 -17.53 16.01 9.08
N ASN B 81 -18.46 16.49 8.25
CA ASN B 81 -18.52 17.92 7.97
C ASN B 81 -18.87 18.67 9.26
N ALA B 82 -19.85 18.16 9.99
CA ALA B 82 -20.25 18.85 11.22
C ALA B 82 -19.11 18.94 12.22
N CYS B 83 -18.34 17.86 12.32
CA CYS B 83 -17.30 17.77 13.35
C CYS B 83 -16.06 18.57 12.96
N SER B 84 -15.74 18.60 11.66
N SER B 84 -15.73 18.56 11.66
CA SER B 84 -14.58 19.35 11.16
CA SER B 84 -14.60 19.34 11.17
C SER B 84 -14.75 20.84 11.38
C SER B 84 -14.77 20.80 11.58
N TYR B 85 -16.01 21.27 11.44
CA TYR B 85 -16.31 22.70 11.57
C TYR B 85 -16.95 23.08 12.92
N GLY B 86 -16.96 22.13 13.85
CA GLY B 86 -17.26 22.43 15.24
C GLY B 86 -18.73 22.64 15.54
N HIS B 87 -19.59 22.06 14.71
CA HIS B 87 -21.03 22.30 14.87
C HIS B 87 -21.67 21.25 15.79
N TYR B 88 -21.75 21.60 17.06
CA TYR B 88 -22.19 20.68 18.12
C TYR B 88 -23.65 20.24 17.97
N GLU B 89 -24.57 21.18 17.82
CA GLU B 89 -25.97 20.81 17.65
C GLU B 89 -26.18 19.95 16.40
N VAL B 90 -25.54 20.33 15.30
CA VAL B 90 -25.65 19.53 14.08
C VAL B 90 -25.18 18.10 14.32
N ALA B 91 -24.04 17.95 15.00
CA ALA B 91 -23.53 16.61 15.27
C ALA B 91 -24.51 15.80 16.10
N GLU B 92 -25.13 16.46 17.08
N GLU B 92 -25.12 16.45 17.09
CA GLU B 92 -26.10 15.81 17.95
CA GLU B 92 -26.10 15.76 17.93
C GLU B 92 -27.36 15.37 17.18
C GLU B 92 -27.32 15.32 17.12
N LEU B 93 -27.80 16.21 16.26
CA LEU B 93 -28.95 15.88 15.42
C LEU B 93 -28.66 14.68 14.52
N LEU B 94 -27.45 14.67 13.95
CA LEU B 94 -27.09 13.55 13.09
C LEU B 94 -27.04 12.26 13.90
N VAL B 95 -26.34 12.30 15.02
CA VAL B 95 -26.23 11.11 15.87
C VAL B 95 -27.62 10.63 16.31
N LYS B 96 -28.51 11.58 16.61
CA LYS B 96 -29.86 11.22 17.06
C LYS B 96 -30.65 10.55 15.92
N HIS B 97 -30.27 10.86 14.69
CA HIS B 97 -30.91 10.25 13.52
C HIS B 97 -30.12 9.08 12.95
N GLY B 98 -29.27 8.49 13.77
CA GLY B 98 -28.62 7.24 13.41
C GLY B 98 -27.21 7.30 12.85
N ALA B 99 -26.58 8.48 12.86
CA ALA B 99 -25.21 8.57 12.38
C ALA B 99 -24.26 7.70 13.20
N VAL B 100 -23.35 7.02 12.51
CA VAL B 100 -22.33 6.18 13.12
C VAL B 100 -21.12 7.05 13.49
N VAL B 101 -20.75 7.01 14.76
N VAL B 101 -20.73 7.08 14.77
CA VAL B 101 -19.69 7.86 15.30
CA VAL B 101 -19.65 7.97 15.18
C VAL B 101 -18.30 7.49 14.79
C VAL B 101 -18.25 7.49 14.78
N ASN B 102 -18.07 6.19 14.63
CA ASN B 102 -16.76 5.66 14.22
C ASN B 102 -16.57 5.50 12.71
N VAL B 103 -17.45 6.14 11.94
CA VAL B 103 -17.42 6.05 10.49
C VAL B 103 -16.07 6.56 9.97
N ALA B 104 -15.59 6.00 8.87
CA ALA B 104 -14.28 6.44 8.35
C ALA B 104 -14.33 6.79 6.88
N ASP B 105 -13.54 7.78 6.47
CA ASP B 105 -13.49 8.16 5.06
C ASP B 105 -12.51 7.27 4.30
N LEU B 106 -12.22 7.62 3.06
CA LEU B 106 -11.34 6.79 2.24
C LEU B 106 -9.98 6.54 2.91
N TRP B 107 -9.54 7.52 3.68
CA TRP B 107 -8.21 7.50 4.30
C TRP B 107 -8.30 7.05 5.76
N LYS B 108 -9.47 6.53 6.13
CA LYS B 108 -9.73 6.05 7.49
C LYS B 108 -9.70 7.15 8.55
N PHE B 109 -9.98 8.39 8.13
CA PHE B 109 -10.20 9.46 9.10
C PHE B 109 -11.63 9.33 9.63
N THR B 110 -11.78 9.35 10.95
CA THR B 110 -13.09 9.39 11.60
C THR B 110 -13.48 10.84 11.93
N PRO B 111 -14.74 11.05 12.32
CA PRO B 111 -15.09 12.40 12.74
C PRO B 111 -14.22 12.88 13.91
N LEU B 112 -13.80 11.97 14.77
CA LEU B 112 -12.93 12.36 15.88
C LEU B 112 -11.54 12.82 15.38
N HIS B 113 -11.01 12.16 14.35
CA HIS B 113 -9.78 12.66 13.71
C HIS B 113 -9.97 14.08 13.22
N GLU B 114 -11.09 14.35 12.55
CA GLU B 114 -11.35 15.68 12.01
C GLU B 114 -11.46 16.71 13.11
N ALA B 115 -12.24 16.42 14.15
CA ALA B 115 -12.38 17.38 15.23
C ALA B 115 -11.06 17.63 15.95
N ALA B 116 -10.27 16.59 16.15
CA ALA B 116 -8.97 16.73 16.81
C ALA B 116 -8.03 17.61 15.98
N ALA B 117 -7.95 17.32 14.69
CA ALA B 117 -7.05 18.04 13.80
C ALA B 117 -7.43 19.51 13.69
N LYS B 118 -8.72 19.79 13.84
CA LYS B 118 -9.25 21.15 13.63
C LYS B 118 -9.38 21.93 14.94
N GLY B 119 -8.97 21.29 16.03
CA GLY B 119 -8.98 21.94 17.32
C GLY B 119 -10.36 22.11 17.96
N LYS B 120 -11.28 21.21 17.64
CA LYS B 120 -12.67 21.38 18.10
C LYS B 120 -12.89 20.59 19.38
N TYR B 121 -12.57 21.21 20.51
CA TYR B 121 -12.63 20.52 21.80
C TYR B 121 -14.03 20.01 22.16
N GLU B 122 -15.05 20.87 22.09
CA GLU B 122 -16.40 20.40 22.46
C GLU B 122 -16.84 19.23 21.60
N ILE B 123 -16.47 19.25 20.33
CA ILE B 123 -16.83 18.16 19.43
C ILE B 123 -16.11 16.87 19.84
N CYS B 124 -14.83 16.98 20.14
CA CYS B 124 -14.11 15.79 20.60
C CYS B 124 -14.78 15.18 21.82
N LYS B 125 -15.13 16.03 22.77
CA LYS B 125 -15.73 15.54 23.99
C LYS B 125 -17.08 14.90 23.71
N LEU B 126 -17.89 15.56 22.89
CA LEU B 126 -19.20 15.03 22.51
C LEU B 126 -19.07 13.65 21.82
N LEU B 127 -18.14 13.53 20.88
CA LEU B 127 -17.94 12.24 20.22
C LEU B 127 -17.55 11.15 21.21
N LEU B 128 -16.63 11.48 22.12
CA LEU B 128 -16.22 10.50 23.14
C LEU B 128 -17.41 10.11 24.01
N GLN B 129 -18.25 11.08 24.35
CA GLN B 129 -19.43 10.81 25.15
C GLN B 129 -20.40 9.87 24.43
N HIS B 130 -20.36 9.88 23.11
CA HIS B 130 -21.20 9.01 22.27
C HIS B 130 -20.47 7.73 21.87
N GLY B 131 -19.33 7.47 22.50
CA GLY B 131 -18.64 6.20 22.31
C GLY B 131 -17.62 6.15 21.18
N ALA B 132 -17.22 7.30 20.64
CA ALA B 132 -16.14 7.31 19.65
C ALA B 132 -14.89 6.68 20.22
N ASP B 133 -14.21 5.88 19.39
CA ASP B 133 -13.03 5.15 19.81
C ASP B 133 -11.79 5.99 19.52
N PRO B 134 -11.11 6.49 20.57
CA PRO B 134 -9.96 7.35 20.32
C PRO B 134 -8.69 6.57 19.94
N THR B 135 -8.78 5.25 19.84
CA THR B 135 -7.62 4.44 19.47
C THR B 135 -7.59 4.12 17.97
N LYS B 136 -8.62 4.55 17.25
CA LYS B 136 -8.73 4.28 15.81
C LYS B 136 -7.64 4.99 15.04
N LYS B 137 -6.89 4.25 14.23
CA LYS B 137 -5.83 4.88 13.46
C LYS B 137 -6.29 5.06 12.02
N ASN B 138 -5.93 6.18 11.43
CA ASN B 138 -6.18 6.35 10.00
C ASN B 138 -5.12 5.56 9.23
N ARG B 139 -5.10 5.70 7.90
CA ARG B 139 -4.17 4.90 7.11
C ARG B 139 -2.71 5.30 7.30
N ASP B 140 -2.47 6.50 7.81
CA ASP B 140 -1.09 6.92 8.09
C ASP B 140 -0.62 6.42 9.45
N GLY B 141 -1.50 5.75 10.17
CA GLY B 141 -1.13 5.16 11.45
C GLY B 141 -1.43 6.08 12.62
N ASN B 142 -2.11 7.19 12.34
CA ASN B 142 -2.38 8.22 13.36
C ASN B 142 -3.73 8.10 14.04
N THR B 143 -3.71 8.16 15.38
CA THR B 143 -4.94 8.31 16.15
C THR B 143 -5.34 9.79 16.15
N PRO B 144 -6.55 10.09 16.62
CA PRO B 144 -6.90 11.51 16.69
C PRO B 144 -5.89 12.31 17.54
N LEU B 145 -5.42 11.72 18.63
CA LEU B 145 -4.41 12.37 19.46
C LEU B 145 -3.16 12.74 18.66
N ASP B 146 -2.73 11.85 17.77
CA ASP B 146 -1.54 12.11 16.96
C ASP B 146 -1.71 13.32 16.05
N LEU B 147 -2.96 13.69 15.74
CA LEU B 147 -3.21 14.79 14.81
C LEU B 147 -3.39 16.14 15.52
N VAL B 148 -3.46 16.13 16.84
CA VAL B 148 -3.66 17.37 17.58
C VAL B 148 -2.47 18.32 17.41
N LYS B 149 -2.76 19.58 17.11
CA LYS B 149 -1.71 20.59 16.97
C LYS B 149 -0.94 20.76 18.27
N ASP B 150 0.37 20.94 18.17
CA ASP B 150 1.15 21.32 19.34
C ASP B 150 0.56 22.64 19.82
N GLY B 151 0.36 22.77 21.12
CA GLY B 151 -0.29 23.95 21.67
C GLY B 151 -1.70 23.65 22.13
N ASP B 152 -2.35 22.69 21.48
CA ASP B 152 -3.68 22.27 21.91
C ASP B 152 -3.58 21.21 23.00
N THR B 153 -2.90 21.55 24.08
CA THR B 153 -2.63 20.59 25.16
C THR B 153 -3.90 20.08 25.85
N ASP B 154 -4.96 20.87 25.86
CA ASP B 154 -6.18 20.41 26.52
C ASP B 154 -6.85 19.30 25.72
N ILE B 155 -6.84 19.42 24.40
CA ILE B 155 -7.39 18.36 23.55
C ILE B 155 -6.54 17.10 23.70
N GLN B 156 -5.23 17.28 23.78
CA GLN B 156 -4.33 16.14 23.99
C GLN B 156 -4.71 15.40 25.27
N ASP B 157 -4.91 16.16 26.35
CA ASP B 157 -5.31 15.57 27.63
C ASP B 157 -6.65 14.86 27.54
N LEU B 158 -7.59 15.48 26.84
CA LEU B 158 -8.93 14.92 26.66
C LEU B 158 -8.86 13.56 25.97
N LEU B 159 -8.04 13.47 24.93
CA LEU B 159 -7.96 12.26 24.13
C LEU B 159 -7.11 11.20 24.83
N ARG B 160 -6.09 11.63 25.57
CA ARG B 160 -5.27 10.69 26.34
C ARG B 160 -5.68 10.67 27.82
N SER C 6 17.87 -34.02 -32.62
CA SER C 6 17.52 -32.75 -33.24
C SER C 6 16.41 -32.91 -34.27
N GLU C 7 16.26 -34.09 -34.86
CA GLU C 7 15.14 -34.24 -35.80
C GLU C 7 13.79 -34.14 -35.08
N ALA C 8 13.70 -34.74 -33.91
CA ALA C 8 12.49 -34.67 -33.10
C ALA C 8 12.20 -33.22 -32.69
N ASP C 9 13.23 -32.51 -32.25
CA ASP C 9 13.03 -31.11 -31.87
C ASP C 9 12.71 -30.23 -33.08
N ARG C 10 13.36 -30.51 -34.21
CA ARG C 10 13.08 -29.73 -35.41
C ARG C 10 11.63 -29.95 -35.84
N GLN C 11 11.18 -31.20 -35.79
CA GLN C 11 9.80 -31.53 -36.16
C GLN C 11 8.80 -30.88 -35.21
N LEU C 12 9.14 -30.82 -33.93
CA LEU C 12 8.25 -30.18 -32.95
C LEU C 12 8.13 -28.67 -33.20
N LEU C 13 9.26 -28.01 -33.41
CA LEU C 13 9.27 -26.59 -33.69
C LEU C 13 8.51 -26.28 -34.97
N GLU C 14 8.75 -27.10 -36.00
CA GLU C 14 8.06 -26.91 -37.26
C GLU C 14 6.56 -27.13 -37.12
N ALA C 15 6.18 -28.11 -36.31
CA ALA C 15 4.74 -28.39 -36.12
C ALA C 15 4.08 -27.27 -35.33
N ALA C 16 4.79 -26.71 -34.36
CA ALA C 16 4.23 -25.59 -33.60
C ALA C 16 4.01 -24.39 -34.52
N LYS C 17 4.99 -24.13 -35.38
CA LYS C 17 4.91 -23.06 -36.36
C LYS C 17 3.76 -23.29 -37.34
N ALA C 18 3.55 -24.55 -37.75
CA ALA C 18 2.55 -24.87 -38.76
C ALA C 18 1.12 -25.03 -38.18
N GLY C 19 1.03 -25.19 -36.87
CA GLY C 19 -0.26 -25.44 -36.24
C GLY C 19 -0.68 -26.90 -36.36
N ASP C 20 0.31 -27.79 -36.46
CA ASP C 20 0.06 -29.22 -36.60
C ASP C 20 -0.07 -29.83 -35.21
N VAL C 21 -1.27 -29.76 -34.64
CA VAL C 21 -1.45 -30.15 -33.24
C VAL C 21 -1.20 -31.64 -32.99
N GLU C 22 -1.55 -32.48 -33.96
CA GLU C 22 -1.34 -33.92 -33.79
C GLU C 22 0.14 -34.24 -33.66
N THR C 23 0.97 -33.62 -34.49
CA THR C 23 2.41 -33.80 -34.37
C THR C 23 2.95 -33.22 -33.07
N VAL C 24 2.45 -32.05 -32.66
CA VAL C 24 2.87 -31.49 -31.39
C VAL C 24 2.56 -32.47 -30.26
N LYS C 25 1.36 -33.04 -30.27
CA LYS C 25 0.99 -34.03 -29.26
C LYS C 25 1.98 -35.20 -29.21
N LYS C 26 2.37 -35.69 -30.39
CA LYS C 26 3.25 -36.84 -30.47
C LYS C 26 4.64 -36.55 -29.91
N LEU C 27 5.14 -35.33 -30.13
CA LEU C 27 6.53 -35.03 -29.84
C LEU C 27 6.76 -34.24 -28.56
N CYS C 28 5.70 -33.66 -28.00
CA CYS C 28 5.83 -32.81 -26.82
C CYS C 28 6.05 -33.63 -25.56
N THR C 29 7.20 -33.46 -24.93
CA THR C 29 7.50 -34.12 -23.67
C THR C 29 8.06 -33.10 -22.68
N VAL C 30 8.26 -33.53 -21.44
CA VAL C 30 8.84 -32.62 -20.45
C VAL C 30 10.21 -32.14 -20.94
N GLN C 31 10.91 -33.02 -21.67
CA GLN C 31 12.23 -32.68 -22.20
C GLN C 31 12.22 -31.70 -23.37
N SER C 32 11.22 -31.81 -24.25
CA SER C 32 11.24 -31.06 -25.50
C SER C 32 10.34 -29.83 -25.55
N VAL C 33 9.40 -29.74 -24.62
CA VAL C 33 8.36 -28.75 -24.71
C VAL C 33 8.89 -27.33 -24.83
N ASN C 34 10.04 -27.07 -24.19
CA ASN C 34 10.66 -25.75 -24.23
C ASN C 34 12.01 -25.73 -24.95
N CYS C 35 12.19 -26.66 -25.88
CA CYS C 35 13.39 -26.67 -26.73
C CYS C 35 13.47 -25.38 -27.54
N ARG C 36 14.64 -25.13 -28.11
CA ARG C 36 14.89 -23.88 -28.81
C ARG C 36 15.48 -24.10 -30.21
N ASP C 37 14.95 -23.36 -31.18
CA ASP C 37 15.52 -23.29 -32.52
C ASP C 37 16.98 -22.91 -32.37
N ILE C 38 17.90 -23.61 -33.04
CA ILE C 38 19.30 -23.22 -32.95
C ILE C 38 19.68 -22.26 -34.07
N GLU C 39 18.80 -22.14 -35.06
CA GLU C 39 19.18 -21.55 -36.34
C GLU C 39 18.46 -20.24 -36.67
N GLY C 40 17.84 -19.62 -35.67
CA GLY C 40 17.17 -18.36 -35.86
C GLY C 40 17.31 -17.43 -34.66
N ARG C 41 16.23 -17.22 -33.94
CA ARG C 41 16.34 -16.44 -32.71
C ARG C 41 16.07 -17.28 -31.47
N GLN C 42 16.29 -18.58 -31.59
CA GLN C 42 16.15 -19.50 -30.47
C GLN C 42 14.75 -19.51 -29.86
N SER C 43 13.74 -19.42 -30.71
CA SER C 43 12.35 -19.48 -30.26
C SER C 43 11.99 -20.86 -29.74
N THR C 44 11.08 -20.91 -28.78
CA THR C 44 10.54 -22.16 -28.30
C THR C 44 9.31 -22.50 -29.12
N PRO C 45 8.79 -23.73 -28.96
CA PRO C 45 7.52 -24.05 -29.62
C PRO C 45 6.42 -23.03 -29.30
N LEU C 46 6.36 -22.56 -28.06
CA LEU C 46 5.31 -21.62 -27.68
C LEU C 46 5.49 -20.27 -28.37
N HIS C 47 6.73 -19.84 -28.56
CA HIS C 47 6.98 -18.62 -29.36
C HIS C 47 6.42 -18.78 -30.78
N PHE C 48 6.73 -19.92 -31.41
CA PHE C 48 6.31 -20.17 -32.78
C PHE C 48 4.78 -20.22 -32.85
N ALA C 49 4.17 -20.98 -31.95
CA ALA C 49 2.72 -21.13 -31.99
C ALA C 49 2.05 -19.79 -31.75
N ALA C 50 2.63 -18.98 -30.85
CA ALA C 50 2.05 -17.67 -30.54
C ALA C 50 2.18 -16.71 -31.71
N GLY C 51 3.37 -16.64 -32.28
CA GLY C 51 3.65 -15.71 -33.36
C GLY C 51 2.88 -16.05 -34.62
N TYR C 52 2.64 -17.34 -34.87
CA TYR C 52 1.94 -17.80 -36.06
C TYR C 52 0.45 -18.06 -35.83
N ASN C 53 -0.04 -17.59 -34.69
CA ASN C 53 -1.48 -17.60 -34.42
C ASN C 53 -2.10 -19.00 -34.47
N ARG C 54 -1.39 -19.95 -33.86
CA ARG C 54 -1.85 -21.34 -33.83
C ARG C 54 -2.52 -21.60 -32.48
N VAL C 55 -3.79 -21.25 -32.39
CA VAL C 55 -4.50 -21.32 -31.11
C VAL C 55 -4.55 -22.70 -30.46
N SER C 56 -4.87 -23.74 -31.22
N SER C 56 -4.89 -23.74 -31.22
CA SER C 56 -4.97 -25.10 -30.66
CA SER C 56 -4.96 -25.08 -30.66
C SER C 56 -3.62 -25.61 -30.16
C SER C 56 -3.61 -25.47 -30.07
N VAL C 57 -2.54 -25.19 -30.81
CA VAL C 57 -1.21 -25.56 -30.36
C VAL C 57 -0.83 -24.76 -29.13
N VAL C 58 -1.18 -23.47 -29.12
CA VAL C 58 -0.92 -22.67 -27.93
C VAL C 58 -1.61 -23.28 -26.71
N GLU C 59 -2.89 -23.59 -26.84
CA GLU C 59 -3.60 -24.19 -25.71
C GLU C 59 -2.93 -25.48 -25.27
N TYR C 60 -2.61 -26.34 -26.23
CA TYR C 60 -2.02 -27.62 -25.87
C TYR C 60 -0.67 -27.44 -25.16
N LEU C 61 0.20 -26.62 -25.72
CA LEU C 61 1.50 -26.36 -25.13
C LEU C 61 1.37 -25.82 -23.71
N LEU C 62 0.45 -24.87 -23.51
CA LEU C 62 0.28 -24.27 -22.19
C LEU C 62 -0.19 -25.31 -21.16
N GLN C 63 -0.99 -26.27 -21.60
CA GLN C 63 -1.49 -27.31 -20.70
C GLN C 63 -0.49 -28.45 -20.49
N HIS C 64 0.62 -28.41 -21.23
CA HIS C 64 1.62 -29.45 -21.10
C HIS C 64 3.03 -28.91 -20.83
N GLY C 65 3.07 -27.84 -20.04
CA GLY C 65 4.31 -27.40 -19.42
C GLY C 65 5.16 -26.40 -20.20
N ALA C 66 4.57 -25.78 -21.22
CA ALA C 66 5.26 -24.74 -21.97
C ALA C 66 5.48 -23.51 -21.09
N ASP C 67 6.56 -22.78 -21.34
CA ASP C 67 7.04 -21.71 -20.46
C ASP C 67 6.69 -20.32 -20.98
N VAL C 68 5.73 -19.66 -20.34
CA VAL C 68 5.31 -18.32 -20.76
C VAL C 68 6.39 -17.29 -20.46
N HIS C 69 7.38 -17.69 -19.67
CA HIS C 69 8.45 -16.80 -19.24
C HIS C 69 9.73 -16.97 -20.07
N ALA C 70 9.70 -17.93 -20.99
CA ALA C 70 10.89 -18.22 -21.80
C ALA C 70 11.19 -17.08 -22.75
N LYS C 71 12.46 -16.69 -22.82
CA LYS C 71 12.87 -15.61 -23.70
C LYS C 71 13.67 -16.13 -24.88
N ASP C 72 13.40 -15.56 -26.06
CA ASP C 72 14.21 -15.86 -27.24
C ASP C 72 15.52 -15.08 -27.19
N LYS C 73 16.31 -15.15 -28.27
CA LYS C 73 17.64 -14.55 -28.26
C LYS C 73 17.61 -13.05 -27.97
N GLY C 74 16.51 -12.41 -28.31
CA GLY C 74 16.37 -10.97 -28.13
C GLY C 74 15.63 -10.57 -26.87
N GLY C 75 15.26 -11.55 -26.05
CA GLY C 75 14.62 -11.26 -24.78
C GLY C 75 13.10 -11.24 -24.89
N LEU C 76 12.57 -11.64 -26.05
CA LEU C 76 11.11 -11.67 -26.23
C LEU C 76 10.46 -12.90 -25.57
N VAL C 77 9.36 -12.69 -24.85
CA VAL C 77 8.54 -13.81 -24.39
C VAL C 77 7.44 -14.04 -25.41
N PRO C 78 6.77 -15.21 -25.36
CA PRO C 78 5.78 -15.48 -26.41
C PRO C 78 4.68 -14.40 -26.48
N LEU C 79 4.41 -13.72 -25.37
CA LEU C 79 3.41 -12.65 -25.41
C LEU C 79 3.86 -11.50 -26.32
N HIS C 80 5.16 -11.22 -26.38
CA HIS C 80 5.66 -10.25 -27.36
C HIS C 80 5.29 -10.67 -28.79
N ASN C 81 5.53 -11.94 -29.12
CA ASN C 81 5.23 -12.42 -30.47
C ASN C 81 3.74 -12.22 -30.80
N ALA C 82 2.90 -12.61 -29.85
CA ALA C 82 1.45 -12.49 -30.06
C ALA C 82 1.05 -11.02 -30.28
N CYS C 83 1.63 -10.13 -29.49
CA CYS C 83 1.23 -8.73 -29.54
C CYS C 83 1.75 -8.07 -30.79
N SER C 84 2.98 -8.44 -31.17
CA SER C 84 3.61 -7.87 -32.34
C SER C 84 2.82 -8.15 -33.61
N TYR C 85 2.16 -9.29 -33.65
CA TYR C 85 1.46 -9.71 -34.87
C TYR C 85 -0.05 -9.67 -34.72
N GLY C 86 -0.51 -9.02 -33.65
CA GLY C 86 -1.92 -8.72 -33.48
C GLY C 86 -2.81 -9.91 -33.18
N HIS C 87 -2.24 -10.94 -32.57
CA HIS C 87 -3.03 -12.13 -32.28
C HIS C 87 -3.72 -12.04 -30.91
N TYR C 88 -4.94 -11.52 -30.91
CA TYR C 88 -5.65 -11.22 -29.67
C TYR C 88 -5.96 -12.44 -28.81
N GLU C 89 -6.60 -13.45 -29.41
CA GLU C 89 -6.93 -14.65 -28.65
C GLU C 89 -5.68 -15.28 -28.02
N VAL C 90 -4.59 -15.38 -28.80
CA VAL C 90 -3.38 -15.94 -28.25
C VAL C 90 -2.87 -15.13 -27.07
N ALA C 91 -2.89 -13.81 -27.21
CA ALA C 91 -2.43 -12.95 -26.12
C ALA C 91 -3.26 -13.22 -24.86
N GLU C 92 -4.57 -13.34 -25.01
CA GLU C 92 -5.43 -13.59 -23.86
C GLU C 92 -5.15 -14.96 -23.22
N LEU C 93 -4.93 -15.98 -24.05
CA LEU C 93 -4.58 -17.30 -23.53
C LEU C 93 -3.26 -17.26 -22.75
N LEU C 94 -2.27 -16.57 -23.29
CA LEU C 94 -0.99 -16.47 -22.59
C LEU C 94 -1.14 -15.80 -21.23
N VAL C 95 -1.88 -14.70 -21.20
CA VAL C 95 -2.11 -14.01 -19.94
C VAL C 95 -2.88 -14.87 -18.94
N LYS C 96 -3.84 -15.65 -19.41
CA LYS C 96 -4.61 -16.48 -18.49
C LYS C 96 -3.75 -17.58 -17.89
N HIS C 97 -2.61 -17.85 -18.54
CA HIS C 97 -1.66 -18.85 -18.06
C HIS C 97 -0.40 -18.23 -17.46
N GLY C 98 -0.53 -17.00 -16.99
CA GLY C 98 0.52 -16.40 -16.19
C GLY C 98 1.47 -15.47 -16.90
N ALA C 99 1.26 -15.22 -18.20
CA ALA C 99 2.14 -14.29 -18.91
C ALA C 99 2.07 -12.91 -18.28
N VAL C 100 3.23 -12.29 -18.08
CA VAL C 100 3.32 -10.97 -17.45
C VAL C 100 3.33 -9.88 -18.52
N VAL C 101 2.42 -8.91 -18.39
CA VAL C 101 2.24 -7.92 -19.47
C VAL C 101 3.31 -6.83 -19.51
N ASN C 102 4.13 -6.73 -18.47
CA ASN C 102 5.13 -5.67 -18.39
C ASN C 102 6.54 -6.19 -18.58
N VAL C 103 6.66 -7.44 -19.02
CA VAL C 103 7.99 -8.04 -19.18
C VAL C 103 8.80 -7.28 -20.23
N ALA C 104 10.09 -7.08 -19.98
CA ALA C 104 10.94 -6.31 -20.88
C ALA C 104 11.89 -7.22 -21.67
N ASP C 105 12.07 -6.95 -22.97
CA ASP C 105 13.12 -7.64 -23.71
C ASP C 105 14.49 -6.98 -23.48
N LEU C 106 15.50 -7.37 -24.27
CA LEU C 106 16.85 -6.87 -24.06
C LEU C 106 16.98 -5.36 -24.26
N TRP C 107 16.03 -4.80 -25.00
CA TRP C 107 16.01 -3.36 -25.26
C TRP C 107 14.92 -2.68 -24.41
N LYS C 108 14.39 -3.45 -23.46
CA LYS C 108 13.35 -2.99 -22.55
C LYS C 108 12.04 -2.60 -23.25
N PHE C 109 11.78 -3.23 -24.40
CA PHE C 109 10.44 -3.13 -25.01
C PHE C 109 9.54 -4.13 -24.31
N THR C 110 8.36 -3.70 -23.89
CA THR C 110 7.36 -4.60 -23.34
C THR C 110 6.36 -4.99 -24.41
N PRO C 111 5.47 -5.95 -24.09
CA PRO C 111 4.41 -6.28 -25.04
C PRO C 111 3.53 -5.08 -25.40
N LEU C 112 3.39 -4.13 -24.48
CA LEU C 112 2.64 -2.93 -24.81
C LEU C 112 3.40 -2.01 -25.78
N HIS C 113 4.73 -1.94 -25.69
CA HIS C 113 5.47 -1.21 -26.71
C HIS C 113 5.15 -1.84 -28.07
N GLU C 114 5.14 -3.18 -28.12
CA GLU C 114 4.90 -3.87 -29.39
C GLU C 114 3.51 -3.55 -29.92
N ALA C 115 2.51 -3.74 -29.07
CA ALA C 115 1.13 -3.58 -29.52
C ALA C 115 0.88 -2.15 -29.96
N ALA C 116 1.47 -1.21 -29.26
CA ALA C 116 1.26 0.21 -29.57
C ALA C 116 1.93 0.57 -30.89
N ALA C 117 3.19 0.18 -31.05
CA ALA C 117 3.92 0.46 -32.27
C ALA C 117 3.30 -0.20 -33.49
N LYS C 118 2.67 -1.35 -33.28
CA LYS C 118 2.11 -2.13 -34.37
C LYS C 118 0.64 -1.77 -34.63
N GLY C 119 0.12 -0.81 -33.88
CA GLY C 119 -1.22 -0.27 -34.15
C GLY C 119 -2.36 -1.19 -33.76
N LYS C 120 -2.18 -1.93 -32.67
CA LYS C 120 -3.18 -2.91 -32.23
C LYS C 120 -3.96 -2.39 -31.04
N TYR C 121 -5.09 -1.72 -31.32
CA TYR C 121 -5.89 -1.08 -30.27
C TYR C 121 -6.41 -2.08 -29.23
N GLU C 122 -7.10 -3.13 -29.68
CA GLU C 122 -7.69 -4.07 -28.74
C GLU C 122 -6.63 -4.79 -27.90
N ILE C 123 -5.50 -5.10 -28.51
CA ILE C 123 -4.43 -5.71 -27.74
C ILE C 123 -3.90 -4.73 -26.68
N CYS C 124 -3.74 -3.46 -27.07
CA CYS C 124 -3.30 -2.46 -26.09
C CYS C 124 -4.28 -2.42 -24.92
N LYS C 125 -5.57 -2.39 -25.24
CA LYS C 125 -6.60 -2.32 -24.20
C LYS C 125 -6.53 -3.55 -23.29
N LEU C 126 -6.37 -4.73 -23.87
CA LEU C 126 -6.25 -5.95 -23.10
C LEU C 126 -5.08 -5.85 -22.15
N LEU C 127 -3.94 -5.39 -22.66
CA LEU C 127 -2.75 -5.31 -21.82
C LEU C 127 -2.97 -4.32 -20.68
N LEU C 128 -3.57 -3.18 -20.98
CA LEU C 128 -3.82 -2.17 -19.95
C LEU C 128 -4.79 -2.70 -18.89
N GLN C 129 -5.76 -3.50 -19.32
CA GLN C 129 -6.74 -4.05 -18.40
C GLN C 129 -6.10 -5.04 -17.42
N HIS C 130 -4.92 -5.53 -17.78
CA HIS C 130 -4.18 -6.43 -16.91
C HIS C 130 -2.99 -5.74 -16.23
N GLY C 131 -2.98 -4.42 -16.27
CA GLY C 131 -2.02 -3.63 -15.51
C GLY C 131 -0.78 -3.19 -16.27
N ALA C 132 -0.79 -3.32 -17.60
CA ALA C 132 0.38 -2.87 -18.35
C ALA C 132 0.59 -1.37 -18.16
N ASP C 133 1.85 -0.96 -18.11
CA ASP C 133 2.21 0.42 -17.82
C ASP C 133 2.51 1.17 -19.11
N PRO C 134 1.65 2.14 -19.45
CA PRO C 134 1.81 2.87 -20.71
C PRO C 134 2.91 3.90 -20.64
N THR C 135 3.50 4.11 -19.47
CA THR C 135 4.60 5.06 -19.40
C THR C 135 5.93 4.39 -19.01
N LYS C 136 6.01 3.08 -19.21
CA LYS C 136 7.22 2.33 -18.92
C LYS C 136 8.23 2.55 -20.05
N LYS C 137 9.39 3.12 -19.73
CA LYS C 137 10.36 3.48 -20.76
C LYS C 137 11.22 2.30 -21.19
N ASN C 138 11.49 2.22 -22.50
CA ASN C 138 12.48 1.28 -23.00
C ASN C 138 13.87 1.90 -22.97
N ARG C 139 14.87 1.22 -23.51
CA ARG C 139 16.25 1.69 -23.42
C ARG C 139 16.52 2.96 -24.23
N ASP C 140 15.61 3.27 -25.16
CA ASP C 140 15.72 4.50 -25.94
C ASP C 140 15.08 5.67 -25.21
N GLY C 141 14.40 5.38 -24.10
CA GLY C 141 13.74 6.42 -23.31
C GLY C 141 12.30 6.61 -23.74
N ASN C 142 11.82 5.71 -24.60
CA ASN C 142 10.47 5.82 -25.15
C ASN C 142 9.46 4.94 -24.40
N THR C 143 8.29 5.50 -24.14
CA THR C 143 7.17 4.74 -23.57
C THR C 143 6.38 4.09 -24.71
N PRO C 144 5.47 3.17 -24.37
CA PRO C 144 4.62 2.66 -25.45
C PRO C 144 3.85 3.81 -26.12
N LEU C 145 3.38 4.78 -25.33
CA LEU C 145 2.71 5.93 -25.91
C LEU C 145 3.58 6.64 -26.96
N ASP C 146 4.88 6.79 -26.66
CA ASP C 146 5.81 7.47 -27.58
C ASP C 146 5.90 6.77 -28.94
N LEU C 147 5.60 5.48 -28.97
CA LEU C 147 5.75 4.70 -30.20
C LEU C 147 4.48 4.64 -31.06
N VAL C 148 3.38 5.19 -30.56
CA VAL C 148 2.14 5.13 -31.32
C VAL C 148 2.28 5.99 -32.57
N LYS C 149 1.81 5.46 -33.71
CA LYS C 149 1.83 6.20 -34.96
C LYS C 149 0.88 7.40 -34.95
N ASP C 150 1.25 8.45 -35.68
CA ASP C 150 0.43 9.66 -35.75
C ASP C 150 -1.02 9.40 -36.17
N GLY C 151 -1.22 8.39 -37.01
CA GLY C 151 -2.54 8.09 -37.52
C GLY C 151 -3.45 7.41 -36.53
N ASP C 152 -2.85 6.73 -35.55
CA ASP C 152 -3.60 5.96 -34.57
C ASP C 152 -3.97 6.81 -33.36
N THR C 153 -4.74 7.86 -33.60
CA THR C 153 -5.18 8.76 -32.53
C THR C 153 -6.01 8.04 -31.47
N ASP C 154 -6.73 6.99 -31.87
CA ASP C 154 -7.45 6.18 -30.89
C ASP C 154 -6.52 5.51 -29.87
N ILE C 155 -5.43 4.93 -30.35
CA ILE C 155 -4.44 4.31 -29.47
C ILE C 155 -3.76 5.35 -28.56
N GLN C 156 -3.48 6.53 -29.11
CA GLN C 156 -2.91 7.60 -28.30
C GLN C 156 -3.84 7.94 -27.14
N ASP C 157 -5.12 8.13 -27.44
CA ASP C 157 -6.11 8.45 -26.40
C ASP C 157 -6.24 7.34 -25.35
N LEU C 158 -6.22 6.10 -25.80
CA LEU C 158 -6.34 4.96 -24.90
C LEU C 158 -5.21 4.94 -23.89
N LEU C 159 -3.99 5.12 -24.38
CA LEU C 159 -2.83 4.99 -23.51
C LEU C 159 -2.72 6.15 -22.52
N ARG C 160 -3.28 7.31 -22.88
CA ARG C 160 -3.26 8.46 -21.99
C ARG C 160 -4.27 8.34 -20.85
N GLY C 161 -5.42 7.75 -21.14
CA GLY C 161 -6.47 7.61 -20.15
C GLY C 161 -7.38 8.82 -20.09
N SER D 6 9.05 -26.39 30.26
CA SER D 6 7.59 -26.47 30.25
C SER D 6 7.07 -26.48 28.82
N GLU D 7 6.16 -27.40 28.51
CA GLU D 7 5.60 -27.47 27.15
C GLU D 7 4.67 -26.28 26.86
N ALA D 8 3.86 -25.91 27.84
CA ALA D 8 2.98 -24.76 27.70
C ALA D 8 3.81 -23.49 27.48
N ASP D 9 4.88 -23.34 28.25
CA ASP D 9 5.75 -22.17 28.12
C ASP D 9 6.56 -22.18 26.82
N ARG D 10 7.02 -23.37 26.41
CA ARG D 10 7.75 -23.48 25.16
C ARG D 10 6.85 -23.08 23.99
N GLN D 11 5.62 -23.59 23.99
CA GLN D 11 4.66 -23.27 22.95
C GLN D 11 4.43 -21.75 22.90
N LEU D 12 4.37 -21.13 24.07
CA LEU D 12 4.12 -19.70 24.14
C LEU D 12 5.29 -18.89 23.60
N LEU D 13 6.50 -19.24 24.02
CA LEU D 13 7.70 -18.55 23.55
C LEU D 13 7.88 -18.69 22.05
N GLU D 14 7.69 -19.91 21.56
CA GLU D 14 7.77 -20.15 20.12
C GLU D 14 6.66 -19.43 19.36
N ALA D 15 5.46 -19.38 19.93
CA ALA D 15 4.35 -18.69 19.26
C ALA D 15 4.67 -17.20 19.18
N ALA D 16 5.26 -16.66 20.23
CA ALA D 16 5.59 -15.24 20.24
C ALA D 16 6.63 -14.92 19.18
N LYS D 17 7.67 -15.73 19.10
CA LYS D 17 8.73 -15.54 18.11
C LYS D 17 8.17 -15.64 16.68
N ALA D 18 7.26 -16.58 16.48
CA ALA D 18 6.68 -16.85 15.17
C ALA D 18 5.58 -15.87 14.74
N GLY D 19 5.03 -15.14 15.70
CA GLY D 19 3.89 -14.27 15.46
C GLY D 19 2.56 -15.02 15.39
N ASP D 20 2.50 -16.18 16.04
CA ASP D 20 1.29 -17.00 16.05
C ASP D 20 0.39 -16.52 17.18
N VAL D 21 -0.36 -15.46 16.91
CA VAL D 21 -1.17 -14.83 17.95
C VAL D 21 -2.30 -15.73 18.50
N GLU D 22 -2.90 -16.56 17.65
CA GLU D 22 -3.98 -17.42 18.12
C GLU D 22 -3.48 -18.38 19.19
N THR D 23 -2.28 -18.91 19.02
CA THR D 23 -1.68 -19.78 20.03
C THR D 23 -1.30 -18.98 21.27
N VAL D 24 -0.80 -17.76 21.08
CA VAL D 24 -0.51 -16.91 22.23
C VAL D 24 -1.77 -16.72 23.08
N LYS D 25 -2.89 -16.42 22.44
CA LYS D 25 -4.14 -16.20 23.18
C LYS D 25 -4.56 -17.42 24.00
N LYS D 26 -4.26 -18.61 23.48
CA LYS D 26 -4.69 -19.85 24.13
C LYS D 26 -3.83 -20.21 25.33
N LEU D 27 -2.67 -19.56 25.45
CA LEU D 27 -1.70 -19.92 26.49
C LEU D 27 -1.43 -18.82 27.50
N CYS D 28 -1.64 -17.58 27.09
CA CYS D 28 -1.24 -16.43 27.89
C CYS D 28 -2.10 -16.28 29.14
N THR D 29 -1.45 -16.29 30.30
CA THR D 29 -2.09 -15.97 31.57
C THR D 29 -1.14 -15.15 32.41
N VAL D 30 -1.61 -14.67 33.54
N VAL D 30 -1.60 -14.67 33.55
CA VAL D 30 -0.74 -13.91 34.45
CA VAL D 30 -0.75 -13.92 34.46
C VAL D 30 0.45 -14.78 34.92
C VAL D 30 0.44 -14.78 34.92
N GLN D 31 0.25 -16.09 34.93
CA GLN D 31 1.32 -17.01 35.34
C GLN D 31 2.41 -17.15 34.26
N SER D 32 1.98 -17.16 33.00
CA SER D 32 2.92 -17.49 31.91
C SER D 32 3.42 -16.30 31.08
N VAL D 33 2.76 -15.15 31.21
CA VAL D 33 2.96 -14.08 30.23
C VAL D 33 4.41 -13.59 30.23
N ASN D 34 5.05 -13.64 31.39
CA ASN D 34 6.46 -13.20 31.48
C ASN D 34 7.45 -14.34 31.76
N CYS D 35 7.12 -15.54 31.31
CA CYS D 35 8.04 -16.67 31.38
C CYS D 35 9.31 -16.36 30.58
N ARG D 36 10.37 -17.10 30.86
CA ARG D 36 11.66 -16.87 30.20
C ARG D 36 12.21 -18.13 29.57
N ASP D 37 12.83 -17.96 28.40
CA ASP D 37 13.62 -18.98 27.73
C ASP D 37 14.71 -19.46 28.69
N ILE D 38 14.84 -20.77 28.88
CA ILE D 38 15.89 -21.30 29.74
C ILE D 38 17.21 -21.33 28.97
N GLU D 39 17.09 -21.36 27.65
CA GLU D 39 18.16 -21.89 26.83
C GLU D 39 19.02 -20.86 26.12
N GLY D 40 18.49 -19.65 25.94
CA GLY D 40 19.21 -18.64 25.19
C GLY D 40 19.60 -17.45 26.03
N ARG D 41 18.93 -16.34 25.78
CA ARG D 41 19.19 -15.09 26.46
C ARG D 41 18.17 -14.87 27.57
N GLN D 42 17.34 -15.88 27.79
CA GLN D 42 16.26 -15.77 28.77
C GLN D 42 15.26 -14.68 28.41
N SER D 43 14.95 -14.58 27.12
CA SER D 43 13.92 -13.65 26.65
C SER D 43 12.54 -14.07 27.12
N THR D 44 11.67 -13.08 27.31
CA THR D 44 10.26 -13.31 27.59
C THR D 44 9.52 -13.33 26.25
N PRO D 45 8.24 -13.74 26.26
CA PRO D 45 7.46 -13.68 25.03
C PRO D 45 7.51 -12.30 24.37
N LEU D 46 7.43 -11.24 25.18
CA LEU D 46 7.45 -9.87 24.65
C LEU D 46 8.80 -9.53 24.00
N HIS D 47 9.89 -10.01 24.59
CA HIS D 47 11.21 -9.84 23.94
C HIS D 47 11.21 -10.46 22.56
N PHE D 48 10.73 -11.70 22.46
CA PHE D 48 10.71 -12.40 21.19
C PHE D 48 9.81 -11.69 20.20
N ALA D 49 8.59 -11.37 20.61
CA ALA D 49 7.66 -10.71 19.70
C ALA D 49 8.19 -9.35 19.23
N ALA D 50 8.83 -8.60 20.14
CA ALA D 50 9.39 -7.30 19.76
C ALA D 50 10.57 -7.46 18.79
N GLY D 51 11.45 -8.42 19.05
CA GLY D 51 12.66 -8.57 18.23
C GLY D 51 12.36 -9.09 16.83
N TYR D 52 11.31 -9.89 16.72
CA TYR D 52 10.92 -10.50 15.47
C TYR D 52 9.77 -9.77 14.76
N ASN D 53 9.44 -8.56 15.24
CA ASN D 53 8.49 -7.68 14.58
C ASN D 53 7.11 -8.31 14.44
N ARG D 54 6.67 -8.94 15.53
CA ARG D 54 5.36 -9.58 15.55
C ARG D 54 4.36 -8.65 16.23
N VAL D 55 3.82 -7.72 15.45
CA VAL D 55 2.98 -6.65 15.99
C VAL D 55 1.71 -7.14 16.68
N SER D 56 0.98 -8.07 16.07
N SER D 56 0.99 -8.07 16.07
CA SER D 56 -0.25 -8.54 16.69
CA SER D 56 -0.24 -8.57 16.65
C SER D 56 0.04 -9.19 18.05
C SER D 56 0.02 -9.24 18.01
N VAL D 57 1.15 -9.91 18.13
CA VAL D 57 1.52 -10.57 19.39
C VAL D 57 1.96 -9.52 20.41
N VAL D 58 2.76 -8.56 19.98
CA VAL D 58 3.19 -7.50 20.89
C VAL D 58 1.96 -6.81 21.49
N GLU D 59 1.00 -6.47 20.63
CA GLU D 59 -0.20 -5.78 21.11
C GLU D 59 -1.00 -6.63 22.09
N TYR D 60 -1.17 -7.91 21.78
CA TYR D 60 -1.94 -8.78 22.65
C TYR D 60 -1.24 -8.95 23.99
N LEU D 61 0.08 -9.14 23.93
CA LEU D 61 0.84 -9.34 25.16
C LEU D 61 0.73 -8.12 26.07
N LEU D 62 0.87 -6.93 25.50
CA LEU D 62 0.85 -5.71 26.29
C LEU D 62 -0.48 -5.53 26.97
N GLN D 63 -1.53 -5.98 26.29
CA GLN D 63 -2.88 -5.84 26.82
C GLN D 63 -3.21 -6.96 27.80
N HIS D 64 -2.29 -7.91 27.95
CA HIS D 64 -2.55 -9.07 28.78
C HIS D 64 -1.42 -9.35 29.78
N GLY D 65 -0.87 -8.26 30.31
CA GLY D 65 0.01 -8.35 31.48
C GLY D 65 1.49 -8.50 31.21
N ALA D 66 1.91 -8.42 29.96
CA ALA D 66 3.33 -8.52 29.64
C ALA D 66 4.12 -7.35 30.23
N ASP D 67 5.34 -7.63 30.66
CA ASP D 67 6.15 -6.66 31.39
C ASP D 67 7.14 -5.89 30.50
N VAL D 68 6.85 -4.61 30.25
CA VAL D 68 7.78 -3.79 29.45
C VAL D 68 9.09 -3.52 30.16
N HIS D 69 9.13 -3.81 31.46
CA HIS D 69 10.33 -3.60 32.24
C HIS D 69 11.17 -4.87 32.41
N ALA D 70 10.73 -5.98 31.82
CA ALA D 70 11.42 -7.25 32.04
C ALA D 70 12.75 -7.25 31.31
N LYS D 71 13.80 -7.67 32.00
CA LYS D 71 15.13 -7.70 31.39
C LYS D 71 15.58 -9.12 31.11
N ASP D 72 16.21 -9.32 29.96
CA ASP D 72 16.82 -10.61 29.67
C ASP D 72 18.16 -10.75 30.38
N LYS D 73 18.90 -11.80 30.03
CA LYS D 73 20.14 -12.15 30.73
C LYS D 73 21.16 -11.02 30.70
N GLY D 74 21.14 -10.25 29.62
CA GLY D 74 22.09 -9.16 29.44
C GLY D 74 21.56 -7.81 29.89
N GLY D 75 20.35 -7.79 30.42
CA GLY D 75 19.73 -6.56 30.88
C GLY D 75 18.90 -5.83 29.84
N LEU D 76 18.63 -6.47 28.70
CA LEU D 76 17.85 -5.81 27.67
C LEU D 76 16.37 -5.89 28.01
N VAL D 77 15.65 -4.79 27.79
CA VAL D 77 14.19 -4.83 27.86
C VAL D 77 13.68 -4.96 26.43
N PRO D 78 12.39 -5.31 26.27
CA PRO D 78 11.92 -5.54 24.91
C PRO D 78 12.09 -4.32 23.98
N LEU D 79 12.10 -3.11 24.51
CA LEU D 79 12.37 -1.94 23.69
C LEU D 79 13.77 -2.01 23.05
N HIS D 80 14.75 -2.58 23.76
CA HIS D 80 16.08 -2.76 23.17
C HIS D 80 15.95 -3.63 21.92
N ASN D 81 15.22 -4.74 22.04
CA ASN D 81 15.06 -5.66 20.91
C ASN D 81 14.44 -4.96 19.71
N ALA D 82 13.35 -4.24 19.94
CA ALA D 82 12.66 -3.53 18.86
C ALA D 82 13.60 -2.54 18.18
N CYS D 83 14.38 -1.82 18.99
CA CYS D 83 15.21 -0.75 18.48
C CYS D 83 16.43 -1.26 17.74
N SER D 84 17.04 -2.32 18.27
CA SER D 84 18.22 -2.92 17.65
C SER D 84 17.91 -3.41 16.24
N TYR D 85 16.66 -3.84 16.02
CA TYR D 85 16.26 -4.45 14.76
C TYR D 85 15.34 -3.56 13.90
N GLY D 86 15.19 -2.30 14.30
CA GLY D 86 14.55 -1.29 13.46
C GLY D 86 13.03 -1.37 13.38
N HIS D 87 12.39 -1.94 14.41
CA HIS D 87 10.95 -2.20 14.35
C HIS D 87 10.17 -1.02 14.95
N TYR D 88 9.77 -0.10 14.08
CA TYR D 88 9.23 1.18 14.49
C TYR D 88 7.90 1.04 15.21
N GLU D 89 6.96 0.34 14.58
CA GLU D 89 5.64 0.22 15.19
C GLU D 89 5.72 -0.47 16.54
N VAL D 90 6.53 -1.53 16.62
CA VAL D 90 6.73 -2.24 17.89
C VAL D 90 7.28 -1.29 18.95
N ALA D 91 8.29 -0.50 18.59
CA ALA D 91 8.86 0.44 19.53
C ALA D 91 7.80 1.43 20.02
N GLU D 92 7.01 1.95 19.10
CA GLU D 92 5.95 2.90 19.47
C GLU D 92 4.94 2.26 20.42
N LEU D 93 4.54 1.02 20.12
N LEU D 93 4.53 1.02 20.13
CA LEU D 93 3.61 0.28 20.96
CA LEU D 93 3.60 0.29 20.99
C LEU D 93 4.17 0.13 22.38
C LEU D 93 4.17 0.13 22.40
N LEU D 94 5.44 -0.24 22.47
CA LEU D 94 6.10 -0.41 23.76
C LEU D 94 6.09 0.90 24.55
N VAL D 95 6.43 2.00 23.89
CA VAL D 95 6.48 3.29 24.57
C VAL D 95 5.08 3.74 25.01
N LYS D 96 4.09 3.48 24.19
CA LYS D 96 2.72 3.81 24.54
C LYS D 96 2.27 3.02 25.77
N HIS D 97 2.85 1.85 25.98
CA HIS D 97 2.56 1.02 27.15
C HIS D 97 3.54 1.21 28.31
N GLY D 98 4.24 2.34 28.32
CA GLY D 98 5.02 2.72 29.48
C GLY D 98 6.49 2.31 29.46
N ALA D 99 6.97 1.81 28.33
CA ALA D 99 8.39 1.47 28.21
C ALA D 99 9.23 2.71 28.50
N VAL D 100 10.30 2.53 29.26
CA VAL D 100 11.16 3.64 29.65
C VAL D 100 12.22 3.82 28.57
N VAL D 101 12.28 4.99 27.94
CA VAL D 101 13.15 5.13 26.77
C VAL D 101 14.65 5.19 27.11
N ASN D 102 14.97 5.63 28.32
CA ASN D 102 16.38 5.75 28.71
C ASN D 102 16.87 4.60 29.57
N VAL D 103 16.13 3.49 29.57
CA VAL D 103 16.51 2.31 30.33
C VAL D 103 17.84 1.78 29.81
N ALA D 104 18.63 1.15 30.68
CA ALA D 104 19.95 0.67 30.27
C ALA D 104 20.19 -0.78 30.65
N ASP D 105 21.01 -1.47 29.85
CA ASP D 105 21.33 -2.88 30.13
C ASP D 105 22.54 -3.01 31.05
N LEU D 106 23.08 -4.21 31.19
CA LEU D 106 24.18 -4.44 32.12
C LEU D 106 25.45 -3.65 31.78
N TRP D 107 25.59 -3.28 30.52
CA TRP D 107 26.72 -2.50 30.03
C TRP D 107 26.33 -1.02 29.85
N LYS D 108 25.16 -0.66 30.37
CA LYS D 108 24.63 0.70 30.28
C LYS D 108 24.36 1.16 28.84
N PHE D 109 24.07 0.20 27.97
CA PHE D 109 23.57 0.50 26.63
C PHE D 109 22.07 0.79 26.71
N THR D 110 21.63 1.90 26.12
CA THR D 110 20.22 2.23 26.06
C THR D 110 19.67 1.82 24.70
N PRO D 111 18.35 1.92 24.55
CA PRO D 111 17.76 1.65 23.23
C PRO D 111 18.37 2.56 22.15
N LEU D 112 18.71 3.79 22.52
CA LEU D 112 19.30 4.70 21.55
C LEU D 112 20.72 4.28 21.17
N HIS D 113 21.47 3.72 22.12
CA HIS D 113 22.76 3.14 21.78
C HIS D 113 22.56 2.05 20.73
N GLU D 114 21.55 1.21 20.94
CA GLU D 114 21.29 0.12 20.00
C GLU D 114 20.95 0.65 18.62
N ALA D 115 20.01 1.57 18.56
CA ALA D 115 19.54 2.07 17.27
C ALA D 115 20.65 2.79 16.52
N ALA D 116 21.48 3.51 17.25
CA ALA D 116 22.57 4.25 16.62
C ALA D 116 23.62 3.27 16.09
N ALA D 117 24.00 2.29 16.90
CA ALA D 117 25.02 1.33 16.51
C ALA D 117 24.60 0.47 15.32
N LYS D 118 23.30 0.19 15.22
CA LYS D 118 22.76 -0.68 14.19
C LYS D 118 22.32 0.12 12.95
N GLY D 119 22.49 1.44 13.01
CA GLY D 119 22.18 2.29 11.86
C GLY D 119 20.70 2.46 11.58
N LYS D 120 19.89 2.42 12.63
CA LYS D 120 18.44 2.51 12.47
C LYS D 120 17.95 3.95 12.63
N TYR D 121 17.96 4.70 11.53
CA TYR D 121 17.66 6.13 11.56
C TYR D 121 16.26 6.45 12.10
N GLU D 122 15.24 5.81 11.54
CA GLU D 122 13.87 6.11 11.98
C GLU D 122 13.70 5.81 13.48
N ILE D 123 14.34 4.75 13.96
CA ILE D 123 14.22 4.43 15.39
C ILE D 123 14.89 5.50 16.25
N CYS D 124 16.07 5.94 15.84
CA CYS D 124 16.74 7.00 16.59
C CYS D 124 15.83 8.23 16.69
N LYS D 125 15.27 8.62 15.56
CA LYS D 125 14.41 9.80 15.50
C LYS D 125 13.21 9.62 16.42
N LEU D 126 12.59 8.45 16.36
CA LEU D 126 11.44 8.15 17.21
C LEU D 126 11.80 8.23 18.69
N LEU D 127 12.91 7.61 19.06
CA LEU D 127 13.35 7.68 20.45
C LEU D 127 13.59 9.13 20.90
N LEU D 128 14.23 9.91 20.05
CA LEU D 128 14.49 11.31 20.38
C LEU D 128 13.17 12.05 20.56
N GLN D 129 12.21 11.78 19.68
CA GLN D 129 10.90 12.44 19.75
C GLN D 129 10.21 12.07 21.06
N HIS D 130 10.57 10.91 21.61
CA HIS D 130 10.01 10.47 22.89
C HIS D 130 10.92 10.79 24.07
N GLY D 131 11.92 11.63 23.85
CA GLY D 131 12.73 12.13 24.94
C GLY D 131 13.95 11.31 25.34
N ALA D 132 14.42 10.47 24.43
CA ALA D 132 15.63 9.72 24.70
C ALA D 132 16.84 10.65 24.75
N ASP D 133 17.78 10.31 25.61
CA ASP D 133 18.95 11.16 25.83
C ASP D 133 20.12 10.68 24.98
N PRO D 134 20.48 11.46 23.94
CA PRO D 134 21.59 11.10 23.04
C PRO D 134 22.96 11.31 23.68
N THR D 135 23.02 11.72 24.94
CA THR D 135 24.31 11.98 25.58
C THR D 135 24.65 10.99 26.69
N LYS D 136 23.77 10.02 26.93
CA LYS D 136 23.98 9.04 28.00
C LYS D 136 25.14 8.11 27.70
N LYS D 137 26.12 8.07 28.59
CA LYS D 137 27.30 7.24 28.36
C LYS D 137 27.06 5.81 28.83
N ASN D 138 27.56 4.85 28.07
CA ASN D 138 27.53 3.47 28.55
C ASN D 138 28.77 3.21 29.41
N ARG D 139 28.93 1.97 29.87
CA ARG D 139 30.02 1.67 30.78
C ARG D 139 31.40 1.89 30.13
N ASP D 140 31.43 1.92 28.81
CA ASP D 140 32.68 2.18 28.09
C ASP D 140 32.96 3.67 27.95
N GLY D 141 32.02 4.51 28.39
CA GLY D 141 32.14 5.95 28.25
C GLY D 141 31.63 6.48 26.93
N ASN D 142 30.96 5.63 26.15
CA ASN D 142 30.45 6.02 24.85
C ASN D 142 28.98 6.44 24.87
N THR D 143 28.68 7.56 24.21
CA THR D 143 27.29 7.95 24.00
C THR D 143 26.76 7.24 22.75
N PRO D 144 25.44 7.29 22.52
CA PRO D 144 24.94 6.74 21.27
C PRO D 144 25.60 7.39 20.05
N LEU D 145 25.89 8.68 20.14
CA LEU D 145 26.58 9.36 19.05
C LEU D 145 27.93 8.70 18.78
N ASP D 146 28.66 8.40 19.85
CA ASP D 146 29.97 7.75 19.73
C ASP D 146 29.90 6.42 18.97
N LEU D 147 28.74 5.77 19.01
CA LEU D 147 28.59 4.42 18.46
C LEU D 147 28.14 4.38 17.00
N VAL D 148 27.82 5.53 16.43
CA VAL D 148 27.36 5.57 15.05
C VAL D 148 28.49 5.19 14.09
N LYS D 149 28.18 4.34 13.12
CA LYS D 149 29.16 3.89 12.13
C LYS D 149 29.69 5.06 11.30
N ASP D 150 30.95 4.98 10.89
CA ASP D 150 31.61 6.08 10.20
C ASP D 150 30.81 6.63 9.02
N GLY D 151 30.14 5.75 8.29
CA GLY D 151 29.42 6.15 7.10
C GLY D 151 28.06 6.79 7.36
N ASP D 152 27.52 6.59 8.56
CA ASP D 152 26.17 7.06 8.88
C ASP D 152 26.11 8.52 9.33
N THR D 153 26.50 9.43 8.46
CA THR D 153 26.55 10.85 8.83
C THR D 153 25.19 11.46 9.13
N ASP D 154 24.12 10.94 8.51
CA ASP D 154 22.78 11.42 8.82
C ASP D 154 22.35 11.11 10.26
N ILE D 155 22.67 9.91 10.73
CA ILE D 155 22.38 9.56 12.13
C ILE D 155 23.18 10.46 13.09
N GLN D 156 24.43 10.74 12.73
CA GLN D 156 25.26 11.63 13.54
C GLN D 156 24.62 13.02 13.68
N ASP D 157 24.22 13.59 12.55
CA ASP D 157 23.57 14.89 12.54
C ASP D 157 22.27 14.88 13.34
N LEU D 158 21.50 13.80 13.21
CA LEU D 158 20.24 13.69 13.94
C LEU D 158 20.45 13.75 15.45
N LEU D 159 21.44 13.01 15.94
CA LEU D 159 21.68 12.91 17.37
C LEU D 159 22.18 14.23 17.98
N ARG D 160 22.85 15.04 17.16
CA ARG D 160 23.38 16.33 17.62
C ARG D 160 22.30 17.41 17.69
N HIS E 3 -6.82 16.19 -4.94
CA HIS E 3 -7.11 15.24 -6.01
C HIS E 3 -8.02 14.11 -5.52
N LEU E 4 -9.30 14.41 -5.31
CA LEU E 4 -10.22 13.42 -4.76
C LEU E 4 -10.37 12.17 -5.63
N GLN E 5 -10.38 12.37 -6.95
CA GLN E 5 -10.48 11.26 -7.89
C GLN E 5 -9.31 10.31 -7.75
N ARG E 6 -8.15 10.84 -7.34
CA ARG E 6 -6.94 10.02 -7.17
C ARG E 6 -7.10 8.98 -6.05
N GLY E 7 -7.80 9.36 -5.00
CA GLY E 7 -8.04 8.46 -3.89
C GLY E 7 -6.76 8.11 -3.15
N CYS E 8 -6.73 6.93 -2.54
CA CYS E 8 -5.49 6.54 -1.89
C CYS E 8 -5.17 5.06 -2.09
N ALA E 9 -3.88 4.77 -2.01
CA ALA E 9 -3.38 3.42 -2.20
C ALA E 9 -4.02 2.48 -1.19
N ASP E 10 -4.31 1.26 -1.63
CA ASP E 10 -4.74 0.24 -0.68
C ASP E 10 -3.58 -0.07 0.25
N GLY E 11 -3.86 -0.08 1.55
CA GLY E 11 -2.85 -0.33 2.55
C GLY E 11 -3.03 0.53 3.77
N GLN E 12 -2.09 0.42 4.71
CA GLN E 12 -2.06 1.26 5.90
C GLN E 12 -0.70 1.12 6.54
N SER E 13 -0.33 2.09 7.38
N SER E 13 -0.33 2.10 7.36
CA SER E 13 1.04 2.15 7.90
CA SER E 13 1.02 2.17 7.92
C SER E 13 1.31 1.25 9.11
C SER E 13 1.25 1.14 9.03
N PHE E 14 0.29 1.09 9.96
CA PHE E 14 0.43 0.30 11.18
C PHE E 14 -0.41 -0.96 11.07
N ARG E 15 0.22 -2.10 11.36
CA ARG E 15 -0.47 -3.39 11.36
C ARG E 15 -1.47 -3.44 12.51
N SET E 16 -1.21 -2.67 13.56
CA SET E 16 -2.10 -2.64 14.73
CB SET E 16 -1.39 -2.18 16.02
OG SET E 16 -0.99 -0.80 15.89
NT SET E 16 -3.36 -1.15 13.27
C SET E 16 -3.33 -1.76 14.45
O SET E 16 -4.21 -1.62 15.31
N GLN F 5 -4.33 16.98 1.53
CA GLN F 5 -4.40 16.11 0.35
C GLN F 5 -5.84 15.65 0.12
N ARG F 6 -6.62 15.66 1.19
CA ARG F 6 -7.99 15.19 1.16
C ARG F 6 -8.94 16.32 0.82
N GLY F 7 -8.39 17.52 0.62
CA GLY F 7 -9.20 18.70 0.42
C GLY F 7 -9.94 19.03 1.70
N CYS F 8 -10.91 19.93 1.61
CA CYS F 8 -11.70 20.33 2.77
C CYS F 8 -13.16 19.93 2.60
N ALA F 9 -13.75 19.39 3.65
CA ALA F 9 -15.19 19.17 3.67
C ALA F 9 -15.92 20.46 3.32
N ASP F 10 -17.07 20.35 2.64
CA ASP F 10 -17.90 21.54 2.41
C ASP F 10 -18.43 22.05 3.75
N GLY F 11 -18.24 23.34 4.01
CA GLY F 11 -18.69 23.93 5.26
C GLY F 11 -17.70 24.98 5.74
N GLN F 12 -17.96 25.55 6.91
CA GLN F 12 -17.03 26.50 7.52
C GLN F 12 -17.38 26.63 8.99
N SER F 13 -16.41 27.09 9.78
CA SER F 13 -16.57 27.06 11.23
C SER F 13 -17.54 28.11 11.75
N PHE F 14 -17.51 29.29 11.14
CA PHE F 14 -18.29 30.41 11.68
C PHE F 14 -19.33 30.94 10.69
N ARG F 15 -20.53 31.22 11.21
CA ARG F 15 -21.62 31.70 10.37
C ARG F 15 -21.38 33.10 9.87
N SET F 16 -20.63 33.90 10.65
CA SET F 16 -20.29 35.27 10.26
CB SET F 16 -20.08 36.16 11.50
OG SET F 16 -18.95 35.68 12.26
NT SET F 16 -18.37 34.14 9.25
C SET F 16 -18.99 35.31 9.42
O SET F 16 -18.57 36.37 8.99
N ARG G 6 17.73 -5.32 -33.01
CA ARG G 6 16.64 -5.91 -32.25
C ARG G 6 15.92 -7.01 -33.03
N GLY G 7 15.60 -6.74 -34.29
CA GLY G 7 14.99 -7.75 -35.15
C GLY G 7 13.52 -7.98 -34.89
N CYS G 8 12.98 -8.99 -35.55
CA CYS G 8 11.55 -9.28 -35.48
C CYS G 8 11.27 -10.61 -34.78
N ALA G 9 10.19 -10.64 -34.00
CA ALA G 9 9.72 -11.88 -33.41
C ALA G 9 9.39 -12.90 -34.49
N ASP G 10 9.57 -14.18 -34.19
CA ASP G 10 9.07 -15.22 -35.09
C ASP G 10 7.54 -15.13 -35.09
N GLY G 11 6.96 -15.18 -36.30
CA GLY G 11 5.53 -15.11 -36.45
C GLY G 11 5.18 -14.28 -37.68
N GLN G 12 3.88 -14.08 -37.90
CA GLN G 12 3.41 -13.19 -38.95
C GLN G 12 1.98 -12.76 -38.65
N SER G 13 1.54 -11.67 -39.26
CA SER G 13 0.24 -11.12 -38.91
C SER G 13 -0.92 -11.92 -39.48
N PHE G 14 -0.76 -12.40 -40.72
CA PHE G 14 -1.84 -13.14 -41.37
C PHE G 14 -1.51 -14.61 -41.63
N ARG G 15 -2.46 -15.48 -41.34
CA ARG G 15 -2.32 -16.90 -41.59
C ARG G 15 -2.25 -17.19 -43.09
N SET G 16 -2.84 -16.31 -43.90
CA SET G 16 -2.85 -16.50 -45.36
CB SET G 16 -4.12 -15.94 -46.01
OG SET G 16 -4.19 -14.54 -45.79
NT SET G 16 -0.88 -15.10 -45.15
C SET G 16 -1.66 -15.77 -45.99
O SET G 16 -1.49 -15.80 -47.21
N ARG H 6 29.38 -8.63 25.60
CA ARG H 6 28.00 -8.28 25.27
C ARG H 6 27.52 -9.03 24.04
N GLY H 7 26.37 -9.70 24.15
CA GLY H 7 25.82 -10.47 23.05
C GLY H 7 24.85 -9.67 22.17
N CYS H 8 23.91 -10.37 21.55
CA CYS H 8 22.92 -9.73 20.68
C CYS H 8 21.50 -10.06 21.12
N ALA H 9 20.61 -9.09 21.00
CA ALA H 9 19.19 -9.29 21.34
C ALA H 9 18.59 -10.39 20.48
N ASP H 10 17.66 -11.15 21.05
CA ASP H 10 16.87 -12.05 20.21
C ASP H 10 16.07 -11.22 19.22
N GLY H 11 16.12 -11.61 17.94
CA GLY H 11 15.35 -10.90 16.92
C GLY H 11 16.10 -10.82 15.62
N GLN H 12 15.54 -10.11 14.65
CA GLN H 12 16.23 -9.86 13.39
C GLN H 12 15.57 -8.68 12.68
N SER H 13 16.33 -8.00 11.83
CA SER H 13 15.84 -6.80 11.19
C SER H 13 14.76 -7.06 10.14
N PHE H 14 14.91 -8.14 9.37
CA PHE H 14 14.01 -8.40 8.26
C PHE H 14 13.21 -9.69 8.43
N ARG H 15 11.91 -9.61 8.20
CA ARG H 15 11.05 -10.79 8.33
C ARG H 15 11.32 -11.83 7.24
N SET H 16 11.82 -11.36 6.10
CA SET H 16 12.16 -12.28 5.00
CB SET H 16 12.06 -11.57 3.64
OG SET H 16 13.01 -10.51 3.54
NT SET H 16 14.28 -12.46 6.20
C SET H 16 13.57 -12.89 5.17
O SET H 16 13.98 -13.72 4.36
O1 PE8 I . 4.82 2.16 9.92
C2 PE8 I . 5.47 2.44 8.68
C3 PE8 I . 6.27 3.73 8.80
O4 PE8 I . 7.32 3.61 9.73
C5 PE8 I . 8.33 4.59 9.47
C6 PE8 I . 8.13 5.73 10.44
O7 PE8 I . 8.47 6.95 9.81
C8 PE8 I . 7.88 8.05 10.49
C9 PE8 I . 6.79 8.57 9.57
O10 PE8 I . 5.85 9.37 10.25
C11 PE8 I . 5.60 8.86 11.54
C12 PE8 I . 4.14 8.42 11.63
O13 PE8 I . 3.96 7.30 10.77
C14 PE8 I . 3.57 6.14 11.50
C15 PE8 I . 2.46 6.52 12.47
O16 PE8 I . 3.04 7.01 13.68
C17 PE8 I . 2.03 7.23 14.68
C18 PE8 I . 2.72 7.40 16.02
O19 PE8 I . 3.47 8.61 15.99
C20 PE8 I . 4.86 8.37 16.03
C21 PE8 I . 5.64 9.68 15.95
O22 PE8 I . 5.49 10.39 17.17
C23 PE8 I . 6.72 10.45 17.89
C24 PE8 I . 6.64 11.51 18.98
O25 PE8 I . 5.46 11.31 19.76
C1 EDO J . -5.93 -5.37 6.63
O1 EDO J . -5.78 -6.76 6.95
C2 EDO J . -6.54 -4.63 7.82
O2 EDO J . -5.68 -4.78 8.96
C1 EDO K . 2.10 -19.94 -9.98
O1 EDO K . 1.88 -20.49 -8.68
C2 EDO K . 3.30 -20.61 -10.65
O2 EDO K . 4.49 -20.39 -9.87
C1 EDO L . 14.31 2.22 -12.51
O1 EDO L . 14.50 2.08 -11.11
C2 EDO L . 14.58 3.67 -12.97
O2 EDO L . 13.68 4.56 -12.32
C1 EDO M . 14.46 6.82 -15.20
O1 EDO M . 13.39 7.68 -15.58
C2 EDO M . 14.28 5.44 -15.86
O2 EDO M . 13.04 4.87 -15.43
S SO4 N . -9.52 -1.51 5.47
O1 SO4 N . -8.06 -1.34 5.42
O2 SO4 N . -9.88 -2.91 5.35
O3 SO4 N . -10.02 -1.00 6.74
O4 SO4 N . -10.11 -0.76 4.36
C2 P6G O . -25.80 9.63 25.23
C3 P6G O . -24.54 10.50 25.30
O4 P6G O . -24.88 11.87 25.07
C5 P6G O . -23.79 12.73 25.35
C6 P6G O . -24.27 14.17 25.38
O7 P6G O . -23.56 14.87 26.40
C8 P6G O . -24.24 16.03 26.85
C9 P6G O . -23.72 16.43 28.22
C1 EDO P . -21.72 4.23 17.24
O1 EDO P . -22.19 5.23 16.35
C2 EDO P . -20.85 3.23 16.47
O2 EDO P . -19.74 3.90 15.88
C1 EDO Q . -14.43 26.59 18.78
O1 EDO Q . -15.82 26.29 18.59
C2 EDO Q . -13.60 25.35 18.50
O2 EDO Q . -12.21 25.63 18.70
C1 EDO R . -12.64 20.55 -1.98
O1 EDO R . -12.11 19.27 -1.63
C2 EDO R . -11.49 21.56 -2.06
O2 EDO R . -10.82 21.62 -0.80
C1 EDO S . -17.67 26.32 15.11
O1 EDO S . -17.76 27.53 15.85
C2 EDO S . -16.19 25.97 14.92
O2 EDO S . -15.57 25.82 16.20
C1 EDO T . -4.81 7.01 21.31
O1 EDO T . -5.51 6.63 22.50
C2 EDO T . -3.34 7.29 21.64
O2 EDO T . -2.65 7.66 20.45
C1 EDO U . -22.62 29.83 3.48
O1 EDO U . -23.77 30.40 2.86
C2 EDO U . -21.55 30.91 3.64
O2 EDO U . -22.08 31.97 4.43
C1 EDO V . -25.57 34.15 6.31
O1 EDO V . -26.99 34.03 6.48
C2 EDO V . -24.90 32.92 6.90
O2 EDO V . -25.19 32.81 8.29
S SO4 W . -23.00 25.11 17.83
O1 SO4 W . -21.69 24.52 17.70
O2 SO4 W . -24.02 24.06 18.00
O3 SO4 W . -22.98 25.96 19.02
O4 SO4 W . -23.39 25.93 16.68
O1 P6G X . -3.01 -8.20 -38.59
C2 P6G X . -3.27 -9.18 -37.60
C3 P6G X . -3.68 -8.49 -36.31
O4 P6G X . -4.85 -7.72 -36.52
C5 P6G X . -5.12 -6.87 -35.42
C6 P6G X . -5.84 -5.63 -35.90
O7 P6G X . -4.95 -4.83 -36.69
C8 P6G X . -5.32 -3.45 -36.66
C9 P6G X . -4.29 -2.61 -37.40
O10 P6G X . -3.13 -3.41 -37.59
C11 P6G X . -2.67 -3.34 -38.95
C12 P6G X . -2.67 -4.75 -39.52
O13 P6G X . -1.60 -4.91 -40.46
C14 P6G X . -1.40 -6.28 -40.78
O1 P6G Y . -12.91 10.45 -30.03
C2 P6G Y . -12.48 10.18 -31.38
C3 P6G Y . -12.69 8.71 -31.73
O4 P6G Y . -11.82 7.89 -30.96
C5 P6G Y . -11.88 6.53 -31.35
C6 P6G Y . -11.83 5.65 -30.10
O7 P6G Y . -10.92 6.21 -29.17
C8 P6G Y . -11.23 5.82 -27.83
C9 P6G Y . -9.97 5.83 -26.96
C1 EDO Z . -2.02 -22.60 -42.14
O1 EDO Z . -2.28 -21.23 -41.86
C2 EDO Z . -1.43 -22.75 -43.54
O2 EDO Z . -0.20 -22.02 -43.63
C1 EDO AA . -11.17 -5.69 -25.98
O1 EDO AA . -11.24 -4.73 -27.04
C2 EDO AA . -9.89 -5.48 -25.16
O2 EDO AA . -9.86 -6.46 -24.10
C1 EDO BA . -9.46 -8.78 -17.13
O1 EDO BA . -9.73 -8.24 -18.43
C2 EDO BA . -8.33 -7.98 -16.47
O2 EDO BA . -8.04 -8.52 -15.17
C1 EDO CA . 11.49 -24.15 -36.67
O1 EDO CA . 10.68 -23.81 -37.80
C2 EDO CA . 12.81 -24.74 -37.15
O2 EDO CA . 13.52 -23.79 -37.96
C1 EDO DA . 12.07 -19.67 21.22
O1 EDO DA . 13.28 -19.98 20.51
C2 EDO DA . 12.28 -19.91 22.71
O2 EDO DA . 12.61 -21.29 22.92
C1 EDO EA . 12.23 -16.27 12.41
O1 EDO EA . 11.72 -16.15 11.08
C2 EDO EA . 11.17 -15.84 13.41
O2 EDO EA . 10.00 -16.66 13.27
C1 EDO FA . 4.36 -21.64 15.40
O1 EDO FA . 5.68 -22.03 15.01
C2 EDO FA . 4.31 -21.50 16.91
O2 EDO FA . 2.98 -21.11 17.31
C1 EDO GA . 30.49 1.99 34.44
O1 EDO GA . 31.25 1.17 35.33
C2 EDO GA . 30.10 3.29 35.13
O2 EDO GA . 29.34 4.09 34.23
S SO4 HA . 8.20 -1.25 10.90
O1 SO4 HA . 8.03 -2.69 10.73
O2 SO4 HA . 7.22 -0.81 11.90
O3 SO4 HA . 9.55 -0.87 11.29
O4 SO4 HA . 7.89 -0.56 9.65
S SO4 IA . 2.08 -9.34 12.59
O1 SO4 IA . 2.67 -10.60 13.05
O2 SO4 IA . 1.10 -8.86 13.56
O3 SO4 IA . 3.15 -8.35 12.49
O4 SO4 IA . 1.42 -9.51 11.30
S SO4 JA . -12.65 27.09 8.99
O1 SO4 JA . -11.86 26.63 7.84
O2 SO4 JA . -12.77 25.98 9.95
O3 SO4 JA . -11.96 28.20 9.64
O4 SO4 JA . -13.95 27.55 8.53
C1 EDO KA . 8.47 -8.37 -33.20
O1 EDO KA . 8.62 -8.13 -34.60
C2 EDO KA . 9.73 -7.91 -32.47
O2 EDO KA . 9.91 -6.52 -32.69
S SO4 LA . 20.23 -8.06 11.66
O1 SO4 LA . 21.22 -8.76 12.49
O2 SO4 LA . 19.02 -8.87 11.61
O3 SO4 LA . 20.02 -6.73 12.23
O4 SO4 LA . 20.73 -7.92 10.30
#